data_6XJ4
#
_entry.id   6XJ4
#
_cell.length_a   51.630
_cell.length_b   114.180
_cell.length_c   141.470
_cell.angle_alpha   90.000
_cell.angle_beta   90.000
_cell.angle_gamma   90.000
#
_symmetry.space_group_name_H-M   'P 21 21 21'
#
loop_
_entity.id
_entity.type
_entity.pdbx_description
1 polymer 'Cysteine hydrolase'
2 non-polymer 1,2-ETHANEDIOL
3 non-polymer 'dicarbonimidic diamide'
4 water water
#
_entity_poly.entity_id   1
_entity_poly.type   'polypeptide(L)'
_entity_poly.pdbx_seq_one_letter_code
;GSHMIRIDATPYPYQFHPRSTALVVIDMQRDFIEEGGFGSALGNDVRPLAAIVPTVAALLQLAREAGMLVVHTRESHLPD
LSDCPRSKRLRGNPTLGIGDVGPMGRILVQGEPGNQILPQLAPVEGELVIDKPGKGAFYATDLHAQLQERRITHLLVAGV
TTEVSVQTSMREANDRGYECLVIEDACASYFPDFHRITLEMLTAQGGIVGWRTPLAQLQAGVA
;
_entity_poly.pdbx_strand_id   A,B,C,D
#
loop_
_chem_comp.id
_chem_comp.type
_chem_comp.name
_chem_comp.formula
C5J non-polymer 'dicarbonimidic diamide' 'C2 H5 N3 O2'
EDO non-polymer 1,2-ETHANEDIOL 'C2 H6 O2'
#
# COMPACT_ATOMS: atom_id res chain seq x y z
N MET A 4 -27.43 -2.70 -10.87
CA MET A 4 -26.49 -1.60 -11.29
C MET A 4 -26.35 -0.60 -10.13
N ILE A 5 -25.11 -0.22 -9.77
CA ILE A 5 -24.83 0.68 -8.62
C ILE A 5 -24.82 2.12 -9.13
N ARG A 6 -25.58 2.98 -8.49
CA ARG A 6 -25.69 4.39 -8.93
C ARG A 6 -25.08 5.27 -7.88
N ILE A 7 -24.08 6.05 -8.26
CA ILE A 7 -23.43 6.94 -7.29
C ILE A 7 -23.53 8.39 -7.74
N ASP A 8 -23.46 9.24 -6.75
CA ASP A 8 -23.49 10.70 -6.95
C ASP A 8 -22.19 11.11 -7.66
N ALA A 9 -22.31 11.93 -8.69
CA ALA A 9 -21.18 12.40 -9.48
C ALA A 9 -21.55 13.71 -10.13
N THR A 10 -20.54 14.37 -10.68
CA THR A 10 -20.66 15.54 -11.57
C THR A 10 -20.35 15.06 -12.97
N PRO A 11 -21.14 15.40 -14.00
CA PRO A 11 -22.25 16.36 -13.88
C PRO A 11 -23.64 15.82 -13.52
N TYR A 12 -23.80 14.51 -13.46
CA TYR A 12 -25.03 13.84 -13.00
C TYR A 12 -24.65 12.46 -12.53
N PRO A 13 -25.54 11.71 -11.86
CA PRO A 13 -25.12 10.45 -11.28
C PRO A 13 -24.59 9.47 -12.32
N TYR A 14 -23.65 8.66 -11.86
CA TYR A 14 -22.96 7.63 -12.67
C TYR A 14 -23.40 6.25 -12.21
N GLN A 15 -23.84 5.43 -13.14
CA GLN A 15 -24.22 4.06 -12.76
C GLN A 15 -23.40 3.03 -13.52
N PHE A 16 -23.13 1.92 -12.86
CA PHE A 16 -22.25 0.88 -13.40
C PHE A 16 -22.56 -0.47 -12.75
N HIS A 17 -22.22 -1.53 -13.46
CA HIS A 17 -22.18 -2.89 -12.89
C HIS A 17 -20.72 -3.20 -12.60
N PRO A 18 -20.32 -3.58 -11.37
CA PRO A 18 -18.93 -3.89 -11.07
C PRO A 18 -18.25 -4.86 -12.05
N ARG A 19 -18.92 -5.91 -12.54
CA ARG A 19 -18.20 -6.88 -13.41
C ARG A 19 -18.07 -6.38 -14.87
N SER A 20 -18.71 -5.29 -15.24
CA SER A 20 -18.51 -4.64 -16.58
C SER A 20 -17.60 -3.43 -16.42
N THR A 21 -16.99 -3.26 -15.27
CA THR A 21 -16.20 -2.05 -14.94
C THR A 21 -14.74 -2.45 -14.73
N ALA A 22 -13.82 -1.58 -15.13
CA ALA A 22 -12.38 -1.73 -14.82
C ALA A 22 -11.92 -0.50 -14.07
N LEU A 23 -11.12 -0.69 -13.04
CA LEU A 23 -10.31 0.37 -12.43
C LEU A 23 -9.03 0.47 -13.25
N VAL A 24 -8.69 1.68 -13.70
CA VAL A 24 -7.42 1.95 -14.41
C VAL A 24 -6.58 2.87 -13.53
N VAL A 25 -5.47 2.34 -13.00
CA VAL A 25 -4.55 3.12 -12.14
C VAL A 25 -3.33 3.48 -13.00
N ILE A 26 -3.21 4.78 -13.25
CA ILE A 26 -2.27 5.34 -14.25
C ILE A 26 -0.97 5.80 -13.61
N ASP A 27 0.12 5.18 -14.02
CA ASP A 27 1.50 5.73 -13.87
C ASP A 27 1.95 6.03 -12.43
N MET A 28 1.59 5.21 -11.47
CA MET A 28 1.93 5.46 -10.04
C MET A 28 3.33 4.85 -9.80
N GLN A 29 4.32 5.48 -10.41
CA GLN A 29 5.68 4.91 -10.56
C GLN A 29 6.62 5.63 -9.60
N ARG A 30 7.61 4.88 -9.11
CA ARG A 30 8.52 5.39 -8.04
C ARG A 30 9.25 6.66 -8.47
N ASP A 31 9.70 6.77 -9.73
CA ASP A 31 10.52 7.93 -10.13
C ASP A 31 9.63 9.19 -10.12
N PHE A 32 8.31 9.04 -10.31
CA PHE A 32 7.41 10.22 -10.39
C PHE A 32 7.04 10.72 -8.99
N ILE A 33 7.07 9.84 -7.98
CA ILE A 33 6.41 10.07 -6.66
C ILE A 33 7.43 10.14 -5.50
N GLU A 34 8.50 9.35 -5.52
CA GLU A 34 9.42 9.23 -4.36
C GLU A 34 10.34 10.46 -4.28
N GLU A 35 10.66 10.89 -3.06
CA GLU A 35 11.51 12.11 -2.83
C GLU A 35 12.92 11.94 -3.43
N GLY A 36 13.52 10.75 -3.40
CA GLY A 36 14.84 10.57 -4.05
C GLY A 36 14.79 10.52 -5.59
N GLY A 37 13.60 10.56 -6.19
CA GLY A 37 13.41 10.15 -7.60
C GLY A 37 13.69 11.21 -8.64
N PHE A 38 13.58 10.82 -9.92
CA PHE A 38 13.82 11.69 -11.08
C PHE A 38 12.88 12.90 -11.13
N GLY A 39 11.59 12.70 -10.82
CA GLY A 39 10.60 13.81 -10.75
C GLY A 39 11.07 14.91 -9.80
N SER A 40 11.50 14.56 -8.58
CA SER A 40 11.98 15.58 -7.59
C SER A 40 13.29 16.17 -8.12
N ALA A 41 14.18 15.36 -8.71
CA ALA A 41 15.47 15.83 -9.29
C ALA A 41 15.23 16.90 -10.34
N LEU A 42 14.14 16.84 -11.11
CA LEU A 42 13.83 17.87 -12.14
C LEU A 42 13.26 19.13 -11.45
N GLY A 43 13.09 19.09 -10.13
CA GLY A 43 12.59 20.21 -9.31
C GLY A 43 11.08 20.23 -9.18
N ASN A 44 10.39 19.11 -9.42
CA ASN A 44 8.94 19.04 -9.17
C ASN A 44 8.68 18.74 -7.68
N ASP A 45 7.57 19.24 -7.18
CA ASP A 45 7.14 18.99 -5.78
C ASP A 45 6.30 17.71 -5.84
N VAL A 46 6.85 16.60 -5.38
CA VAL A 46 6.19 15.26 -5.50
C VAL A 46 5.16 15.09 -4.37
N ARG A 47 5.08 15.98 -3.38
CA ARG A 47 4.21 15.80 -2.20
C ARG A 47 2.75 15.57 -2.59
N PRO A 48 2.17 16.30 -3.54
CA PRO A 48 0.77 16.08 -3.91
C PRO A 48 0.53 14.68 -4.49
N LEU A 49 1.54 14.12 -5.17
CA LEU A 49 1.44 12.77 -5.74
C LEU A 49 1.55 11.78 -4.58
N ALA A 50 2.52 11.94 -3.69
CA ALA A 50 2.60 11.07 -2.49
C ALA A 50 1.29 11.12 -1.67
N ALA A 51 0.65 12.29 -1.59
CA ALA A 51 -0.52 12.54 -0.71
C ALA A 51 -1.71 11.65 -1.07
N ILE A 52 -1.86 11.23 -2.34
CA ILE A 52 -3.04 10.45 -2.76
C ILE A 52 -2.80 8.95 -2.58
N VAL A 53 -1.60 8.52 -2.21
CA VAL A 53 -1.33 7.05 -2.27
C VAL A 53 -2.30 6.31 -1.35
N PRO A 54 -2.56 6.73 -0.09
CA PRO A 54 -3.55 6.03 0.70
C PRO A 54 -4.96 5.99 0.08
N THR A 55 -5.37 7.04 -0.63
CA THR A 55 -6.67 7.09 -1.33
C THR A 55 -6.69 6.10 -2.50
N VAL A 56 -5.63 6.13 -3.31
CA VAL A 56 -5.52 5.18 -4.43
C VAL A 56 -5.56 3.75 -3.89
N ALA A 57 -4.86 3.49 -2.77
CA ALA A 57 -4.85 2.12 -2.18
C ALA A 57 -6.28 1.73 -1.76
N ALA A 58 -7.03 2.66 -1.15
CA ALA A 58 -8.44 2.40 -0.74
C ALA A 58 -9.30 2.10 -1.97
N LEU A 59 -9.07 2.82 -3.09
CA LEU A 59 -9.85 2.60 -4.33
C LEU A 59 -9.49 1.23 -4.92
N LEU A 60 -8.20 0.88 -4.89
CA LEU A 60 -7.71 -0.44 -5.38
C LEU A 60 -8.34 -1.56 -4.57
N GLN A 61 -8.37 -1.40 -3.25
CA GLN A 61 -9.04 -2.40 -2.36
C GLN A 61 -10.52 -2.53 -2.70
N LEU A 62 -11.22 -1.41 -2.90
CA LEU A 62 -12.68 -1.41 -3.25
C LEU A 62 -12.85 -2.22 -4.51
N ALA A 63 -12.08 -1.87 -5.56
CA ALA A 63 -12.19 -2.56 -6.87
C ALA A 63 -11.93 -4.07 -6.74
N ARG A 64 -10.92 -4.48 -5.97
CA ARG A 64 -10.57 -5.90 -5.80
C ARG A 64 -11.70 -6.65 -5.07
N GLU A 65 -12.20 -6.09 -3.99
CA GLU A 65 -13.31 -6.66 -3.20
C GLU A 65 -14.60 -6.75 -4.02
N ALA A 66 -14.85 -5.81 -4.94
CA ALA A 66 -16.08 -5.73 -5.76
C ALA A 66 -15.97 -6.64 -7.00
N GLY A 67 -14.79 -7.21 -7.30
CA GLY A 67 -14.58 -8.13 -8.42
C GLY A 67 -14.50 -7.42 -9.75
N MET A 68 -14.13 -6.13 -9.71
CA MET A 68 -13.91 -5.34 -10.94
C MET A 68 -12.59 -5.80 -11.58
N LEU A 69 -12.45 -5.62 -12.89
CA LEU A 69 -11.12 -5.78 -13.52
C LEU A 69 -10.20 -4.64 -13.05
N VAL A 70 -8.96 -4.94 -12.72
CA VAL A 70 -7.95 -3.92 -12.35
C VAL A 70 -6.85 -3.88 -13.41
N VAL A 71 -6.57 -2.67 -13.89
CA VAL A 71 -5.59 -2.35 -14.95
C VAL A 71 -4.62 -1.35 -14.36
N HIS A 72 -3.34 -1.66 -14.40
CA HIS A 72 -2.27 -0.73 -14.03
C HIS A 72 -1.54 -0.29 -15.31
N THR A 73 -1.13 0.95 -15.40
CA THR A 73 -0.31 1.39 -16.55
C THR A 73 1.03 1.89 -16.02
N ARG A 74 2.07 1.67 -16.80
CA ARG A 74 3.41 2.24 -16.53
C ARG A 74 3.86 2.93 -17.81
N GLU A 75 4.27 4.17 -17.74
CA GLU A 75 4.94 4.80 -18.89
C GLU A 75 6.38 4.21 -18.95
N SER A 76 6.71 3.54 -20.02
CA SER A 76 8.01 2.84 -20.07
C SER A 76 8.44 2.62 -21.52
N HIS A 77 9.71 2.38 -21.70
CA HIS A 77 10.28 2.04 -23.04
C HIS A 77 11.16 0.80 -22.94
N LEU A 78 11.28 0.13 -24.06
CA LEU A 78 12.23 -1.01 -24.21
C LEU A 78 13.64 -0.52 -23.89
N PRO A 79 14.47 -1.37 -23.27
CA PRO A 79 15.83 -0.93 -22.89
C PRO A 79 16.65 -0.42 -24.07
N ASP A 80 16.34 -0.84 -25.29
CA ASP A 80 17.05 -0.29 -26.48
C ASP A 80 16.38 0.97 -27.04
N LEU A 81 15.30 1.46 -26.40
CA LEU A 81 14.54 2.68 -26.80
C LEU A 81 13.97 2.57 -28.21
N SER A 82 13.73 1.37 -28.71
CA SER A 82 13.22 1.18 -30.08
C SER A 82 11.76 1.65 -30.18
N ASP A 83 11.05 1.85 -29.05
CA ASP A 83 9.64 2.34 -29.06
C ASP A 83 9.62 3.77 -28.51
N CYS A 84 10.77 4.46 -28.48
CA CYS A 84 10.84 5.84 -28.00
C CYS A 84 11.10 6.77 -29.19
N PRO A 85 10.13 7.61 -29.61
CA PRO A 85 10.36 8.46 -30.77
C PRO A 85 11.48 9.45 -30.48
N ARG A 86 12.25 9.82 -31.51
CA ARG A 86 13.38 10.76 -31.33
C ARG A 86 12.84 12.07 -30.74
N SER A 87 11.66 12.51 -31.19
CA SER A 87 11.08 13.79 -30.67
C SER A 87 10.99 13.74 -29.13
N LYS A 88 10.55 12.61 -28.59
CA LYS A 88 10.32 12.49 -27.14
C LYS A 88 11.69 12.54 -26.42
N ARG A 89 12.70 11.87 -26.97
CA ARG A 89 14.07 11.87 -26.38
C ARG A 89 14.66 13.28 -26.37
N LEU A 90 14.39 14.08 -27.40
CA LEU A 90 15.05 15.40 -27.54
C LEU A 90 14.26 16.50 -26.83
N ARG A 91 12.98 16.27 -26.50
CA ARG A 91 12.09 17.34 -26.00
C ARG A 91 12.66 17.95 -24.71
N GLY A 92 12.69 19.28 -24.64
CA GLY A 92 13.04 19.97 -23.40
C GLY A 92 14.55 20.12 -23.23
N ASN A 93 15.35 19.71 -24.21
CA ASN A 93 16.83 19.85 -24.18
C ASN A 93 17.38 19.33 -22.84
N PRO A 94 17.05 18.11 -22.41
CA PRO A 94 17.27 17.76 -21.01
C PRO A 94 18.75 17.45 -20.72
N THR A 95 19.18 17.74 -19.50
CA THR A 95 20.53 17.37 -18.98
C THR A 95 20.60 15.84 -18.90
N LEU A 96 19.62 15.25 -18.23
CA LEU A 96 19.43 13.78 -18.12
C LEU A 96 18.11 13.44 -18.79
N GLY A 97 18.20 12.66 -19.86
CA GLY A 97 17.09 12.32 -20.75
C GLY A 97 16.66 10.89 -20.56
N ILE A 98 15.62 10.50 -21.29
CA ILE A 98 15.17 9.10 -21.39
C ILE A 98 16.36 8.17 -21.69
N GLY A 99 16.53 7.15 -20.86
CA GLY A 99 17.61 6.17 -21.08
C GLY A 99 18.88 6.53 -20.37
N ASP A 100 19.06 7.78 -19.92
CA ASP A 100 20.24 8.19 -19.14
C ASP A 100 20.09 7.63 -17.71
N VAL A 101 21.21 7.47 -17.00
CA VAL A 101 21.16 6.96 -15.61
C VAL A 101 20.74 8.10 -14.69
N GLY A 102 19.56 7.97 -14.09
CA GLY A 102 19.10 8.87 -13.03
C GLY A 102 19.25 8.24 -11.65
N PRO A 103 18.62 8.86 -10.65
CA PRO A 103 18.80 8.42 -9.26
C PRO A 103 18.22 7.01 -8.98
N MET A 104 17.30 6.50 -9.81
CA MET A 104 16.69 5.13 -9.63
C MET A 104 16.87 4.33 -10.92
N GLY A 105 17.97 4.52 -11.63
CA GLY A 105 18.27 3.73 -12.84
C GLY A 105 17.93 4.50 -14.09
N ARG A 106 17.98 3.83 -15.22
CA ARG A 106 17.75 4.45 -16.53
C ARG A 106 16.32 5.05 -16.57
N ILE A 107 16.25 6.29 -16.98
CA ILE A 107 15.02 7.11 -16.96
C ILE A 107 14.00 6.54 -17.94
N LEU A 108 12.81 6.15 -17.42
CA LEU A 108 11.63 5.74 -18.25
C LEU A 108 11.89 4.42 -18.97
N VAL A 109 12.80 3.60 -18.44
CA VAL A 109 13.14 2.28 -19.03
C VAL A 109 12.58 1.11 -18.21
N GLN A 110 11.99 0.15 -18.93
CA GLN A 110 11.42 -1.11 -18.41
C GLN A 110 12.50 -1.81 -17.58
N GLY A 111 12.12 -2.21 -16.36
CA GLY A 111 12.91 -3.11 -15.50
C GLY A 111 13.76 -2.32 -14.50
N GLU A 112 13.81 -0.99 -14.62
CA GLU A 112 14.61 -0.15 -13.71
C GLU A 112 13.78 0.08 -12.44
N PRO A 113 14.43 0.24 -11.27
CA PRO A 113 13.69 0.50 -10.03
C PRO A 113 12.73 1.71 -10.08
N GLY A 114 13.19 2.81 -10.66
CA GLY A 114 12.40 4.04 -10.85
C GLY A 114 11.16 3.78 -11.67
N ASN A 115 11.18 2.80 -12.54
CA ASN A 115 10.05 2.54 -13.47
C ASN A 115 8.93 1.74 -12.79
N GLN A 116 9.19 1.16 -11.61
CA GLN A 116 8.25 0.22 -10.97
C GLN A 116 7.08 0.99 -10.32
N ILE A 117 5.93 0.36 -10.32
CA ILE A 117 4.75 0.84 -9.56
C ILE A 117 5.10 0.83 -8.08
N LEU A 118 4.66 1.84 -7.33
CA LEU A 118 4.85 1.88 -5.86
C LEU A 118 4.38 0.58 -5.23
N PRO A 119 5.12 0.00 -4.27
CA PRO A 119 4.68 -1.25 -3.66
C PRO A 119 3.31 -1.17 -2.95
N GLN A 120 2.92 -0.01 -2.42
CA GLN A 120 1.58 0.14 -1.78
C GLN A 120 0.46 -0.08 -2.80
N LEU A 121 0.74 -0.01 -4.12
CA LEU A 121 -0.32 -0.06 -5.17
C LEU A 121 0.04 -1.14 -6.18
N ALA A 122 0.88 -2.10 -5.80
CA ALA A 122 1.50 -3.05 -6.74
C ALA A 122 0.43 -3.96 -7.32
N PRO A 123 0.56 -4.35 -8.59
CA PRO A 123 -0.35 -5.32 -9.18
C PRO A 123 -0.21 -6.67 -8.50
N VAL A 124 -1.30 -7.40 -8.51
CA VAL A 124 -1.35 -8.83 -8.07
C VAL A 124 -1.86 -9.70 -9.23
N GLU A 125 -1.80 -11.01 -9.03
CA GLU A 125 -2.22 -12.02 -10.04
C GLU A 125 -3.63 -11.76 -10.49
N GLY A 126 -3.86 -11.79 -11.80
CA GLY A 126 -5.21 -11.60 -12.36
C GLY A 126 -5.49 -10.16 -12.74
N GLU A 127 -4.50 -9.27 -12.63
CA GLU A 127 -4.65 -7.84 -13.00
C GLU A 127 -3.85 -7.59 -14.28
N LEU A 128 -4.31 -6.67 -15.11
CA LEU A 128 -3.62 -6.35 -16.37
C LEU A 128 -2.57 -5.30 -16.05
N VAL A 129 -1.40 -5.42 -16.64
CA VAL A 129 -0.37 -4.36 -16.49
C VAL A 129 0.02 -3.93 -17.90
N ILE A 130 -0.13 -2.63 -18.18
CA ILE A 130 0.06 -2.08 -19.54
C ILE A 130 1.34 -1.26 -19.53
N ASP A 131 2.36 -1.63 -20.30
CA ASP A 131 3.53 -0.74 -20.51
C ASP A 131 3.19 0.16 -21.69
N LYS A 132 3.19 1.48 -21.49
CA LYS A 132 2.79 2.38 -22.60
C LYS A 132 3.94 3.30 -22.95
N PRO A 133 4.21 3.49 -24.26
CA PRO A 133 5.30 4.35 -24.70
C PRO A 133 4.90 5.83 -24.80
N GLY A 134 3.63 6.13 -24.62
CA GLY A 134 3.16 7.53 -24.60
C GLY A 134 2.40 7.87 -23.34
N LYS A 135 1.75 9.02 -23.33
CA LYS A 135 0.91 9.43 -22.18
C LYS A 135 -0.46 8.71 -22.19
N GLY A 136 -1.03 8.45 -23.37
CA GLY A 136 -2.34 7.80 -23.52
C GLY A 136 -2.20 6.28 -23.36
N ALA A 137 -2.98 5.67 -22.47
CA ALA A 137 -2.91 4.22 -22.21
C ALA A 137 -3.33 3.41 -23.45
N PHE A 138 -4.02 3.99 -24.42
CA PHE A 138 -4.55 3.20 -25.58
C PHE A 138 -3.56 3.19 -26.76
N TYR A 139 -2.67 4.16 -26.83
CA TYR A 139 -1.77 4.30 -28.00
C TYR A 139 -0.67 3.23 -27.93
N ALA A 140 -0.59 2.39 -28.95
CA ALA A 140 0.50 1.40 -29.13
C ALA A 140 0.45 0.33 -28.01
N THR A 141 -0.73 0.07 -27.47
CA THR A 141 -0.95 -0.98 -26.47
C THR A 141 -2.14 -1.78 -26.95
N ASP A 142 -2.35 -2.90 -26.30
CA ASP A 142 -3.54 -3.73 -26.60
C ASP A 142 -4.63 -3.49 -25.55
N LEU A 143 -4.61 -2.34 -24.86
CA LEU A 143 -5.61 -2.11 -23.78
C LEU A 143 -7.04 -2.21 -24.31
N HIS A 144 -7.34 -1.58 -25.45
CA HIS A 144 -8.72 -1.57 -25.98
C HIS A 144 -9.15 -3.01 -26.28
N ALA A 145 -8.29 -3.78 -26.94
CA ALA A 145 -8.56 -5.21 -27.24
C ALA A 145 -8.83 -5.99 -25.94
N GLN A 146 -7.98 -5.82 -24.93
CA GLN A 146 -8.07 -6.55 -23.64
C GLN A 146 -9.39 -6.22 -22.94
N LEU A 147 -9.84 -4.95 -22.96
CA LEU A 147 -11.07 -4.54 -22.28
C LEU A 147 -12.26 -5.11 -23.09
N GLN A 148 -12.17 -5.11 -24.41
CA GLN A 148 -13.29 -5.60 -25.27
C GLN A 148 -13.45 -7.11 -25.06
N GLU A 149 -12.35 -7.84 -24.89
CA GLU A 149 -12.35 -9.32 -24.67
C GLU A 149 -13.08 -9.59 -23.36
N ARG A 150 -12.96 -8.71 -22.39
CA ARG A 150 -13.59 -8.87 -21.06
C ARG A 150 -14.96 -8.19 -20.98
N ARG A 151 -15.47 -7.63 -22.09
CA ARG A 151 -16.78 -6.94 -22.27
C ARG A 151 -16.91 -5.81 -21.26
N ILE A 152 -15.82 -5.08 -21.05
CA ILE A 152 -15.82 -3.90 -20.14
C ILE A 152 -16.44 -2.70 -20.85
N THR A 153 -17.34 -1.97 -20.19
CA THR A 153 -18.02 -0.78 -20.76
C THR A 153 -17.69 0.49 -19.97
N HIS A 154 -17.32 0.32 -18.71
CA HIS A 154 -17.22 1.41 -17.72
C HIS A 154 -15.78 1.38 -17.20
N LEU A 155 -15.20 2.54 -16.96
CA LEU A 155 -13.83 2.66 -16.42
C LEU A 155 -13.87 3.63 -15.23
N LEU A 156 -13.24 3.22 -14.13
CA LEU A 156 -12.90 4.15 -13.03
C LEU A 156 -11.42 4.54 -13.21
N VAL A 157 -11.14 5.81 -13.12
CA VAL A 157 -9.81 6.34 -13.49
C VAL A 157 -9.15 7.05 -12.30
N ALA A 158 -7.91 6.67 -12.04
CA ALA A 158 -7.07 7.22 -10.99
C ALA A 158 -5.64 7.33 -11.50
N GLY A 159 -4.84 8.13 -10.80
CA GLY A 159 -3.39 8.10 -10.96
C GLY A 159 -2.82 9.46 -11.21
N VAL A 160 -1.70 9.47 -11.91
CA VAL A 160 -0.89 10.71 -12.04
C VAL A 160 -0.35 10.81 -13.48
N THR A 161 -0.12 12.02 -13.97
CA THR A 161 -0.56 13.26 -13.37
C THR A 161 -1.88 13.61 -14.07
N THR A 162 -2.72 14.36 -13.39
CA THR A 162 -4.11 14.64 -13.80
C THR A 162 -4.13 15.17 -15.22
N GLU A 163 -3.32 16.20 -15.49
CA GLU A 163 -3.36 16.93 -16.77
C GLU A 163 -2.56 16.24 -17.87
N VAL A 164 -1.80 15.18 -17.58
CA VAL A 164 -1.04 14.49 -18.65
C VAL A 164 -1.60 13.10 -18.89
N SER A 165 -1.05 12.06 -18.29
CA SER A 165 -1.50 10.67 -18.60
C SER A 165 -2.95 10.44 -18.19
N VAL A 166 -3.44 10.98 -17.07
CA VAL A 166 -4.84 10.71 -16.68
C VAL A 166 -5.80 11.31 -17.72
N GLN A 167 -5.66 12.60 -18.05
CA GLN A 167 -6.64 13.21 -18.94
C GLN A 167 -6.45 12.63 -20.36
N THR A 168 -5.21 12.35 -20.76
CA THR A 168 -4.97 11.78 -22.12
C THR A 168 -5.68 10.43 -22.22
N SER A 169 -5.53 9.58 -21.21
CA SER A 169 -6.14 8.23 -21.21
C SER A 169 -7.66 8.33 -21.16
N MET A 170 -8.23 9.23 -20.36
CA MET A 170 -9.69 9.37 -20.27
C MET A 170 -10.23 9.92 -21.58
N ARG A 171 -9.55 10.87 -22.21
CA ARG A 171 -10.05 11.40 -23.50
C ARG A 171 -10.01 10.30 -24.53
N GLU A 172 -8.96 9.46 -24.57
CA GLU A 172 -8.92 8.32 -25.53
C GLU A 172 -10.05 7.33 -25.20
N ALA A 173 -10.29 7.05 -23.92
CA ALA A 173 -11.34 6.07 -23.53
C ALA A 173 -12.72 6.57 -23.98
N ASN A 174 -12.98 7.84 -23.77
CA ASN A 174 -14.25 8.49 -24.17
C ASN A 174 -14.46 8.31 -25.66
N ASP A 175 -13.44 8.60 -26.46
CA ASP A 175 -13.53 8.46 -27.93
C ASP A 175 -13.87 7.01 -28.32
N ARG A 176 -13.35 6.05 -27.60
CA ARG A 176 -13.59 4.60 -27.88
C ARG A 176 -14.88 4.03 -27.29
N GLY A 177 -15.69 4.85 -26.62
CA GLY A 177 -17.08 4.52 -26.22
C GLY A 177 -17.19 4.06 -24.78
N TYR A 178 -16.13 4.22 -23.97
CA TYR A 178 -16.19 3.86 -22.53
C TYR A 178 -16.90 4.97 -21.76
N GLU A 179 -17.61 4.59 -20.69
CA GLU A 179 -18.19 5.51 -19.71
C GLU A 179 -17.23 5.66 -18.53
N CYS A 180 -16.59 6.82 -18.41
CA CYS A 180 -15.44 7.00 -17.50
C CYS A 180 -15.78 7.92 -16.33
N LEU A 181 -15.40 7.47 -15.15
CA LEU A 181 -15.58 8.17 -13.87
C LEU A 181 -14.19 8.38 -13.30
N VAL A 182 -13.78 9.63 -13.20
CA VAL A 182 -12.45 9.93 -12.61
C VAL A 182 -12.67 10.17 -11.11
N ILE A 183 -11.86 9.52 -10.29
CA ILE A 183 -11.98 9.61 -8.81
C ILE A 183 -11.07 10.77 -8.39
N GLU A 184 -11.67 11.88 -8.02
CA GLU A 184 -10.99 13.21 -8.02
C GLU A 184 -9.87 13.27 -7.00
N ASP A 185 -10.03 12.62 -5.86
CA ASP A 185 -8.99 12.65 -4.80
C ASP A 185 -8.05 11.44 -4.93
N ALA A 186 -8.16 10.69 -6.00
CA ALA A 186 -7.25 9.60 -6.33
C ALA A 186 -6.44 9.93 -7.58
N CYS A 187 -6.36 11.22 -7.90
N CYS A 187 -6.37 11.21 -7.96
CA CYS A 187 -5.54 11.81 -8.98
CA CYS A 187 -5.44 11.70 -9.00
C CYS A 187 -4.72 12.94 -8.37
C CYS A 187 -4.82 13.02 -8.52
N ALA A 188 -3.62 13.32 -9.03
CA ALA A 188 -2.81 14.44 -8.56
C ALA A 188 -1.94 14.98 -9.68
N SER A 189 -1.50 16.21 -9.48
CA SER A 189 -0.59 16.89 -10.42
C SER A 189 0.56 17.50 -9.63
N TYR A 190 1.65 17.77 -10.31
CA TYR A 190 2.73 18.63 -9.76
C TYR A 190 2.19 20.06 -9.61
N PHE A 191 1.18 20.44 -10.37
CA PHE A 191 0.71 21.83 -10.50
C PHE A 191 -0.72 22.00 -10.01
N PRO A 192 -0.94 22.80 -8.93
CA PRO A 192 -2.29 23.13 -8.55
C PRO A 192 -3.02 23.95 -9.65
N ASP A 193 -2.25 24.60 -10.51
CA ASP A 193 -2.78 25.34 -11.67
C ASP A 193 -3.57 24.40 -12.60
N PHE A 194 -3.32 23.09 -12.57
CA PHE A 194 -3.80 22.17 -13.65
C PHE A 194 -4.75 21.10 -13.14
N HIS A 195 -4.62 20.67 -11.90
CA HIS A 195 -5.38 19.50 -11.39
C HIS A 195 -6.89 19.81 -11.44
N ARG A 196 -7.35 20.78 -10.65
CA ARG A 196 -8.79 20.99 -10.55
C ARG A 196 -9.37 21.40 -11.90
N ILE A 197 -8.71 22.29 -12.65
CA ILE A 197 -9.32 22.81 -13.90
C ILE A 197 -9.39 21.70 -14.93
N THR A 198 -8.48 20.72 -14.91
CA THR A 198 -8.57 19.55 -15.78
C THR A 198 -9.88 18.82 -15.46
N LEU A 199 -10.10 18.54 -14.19
CA LEU A 199 -11.29 17.74 -13.79
C LEU A 199 -12.54 18.50 -14.23
N GLU A 200 -12.55 19.83 -14.11
CA GLU A 200 -13.66 20.70 -14.57
C GLU A 200 -13.86 20.58 -16.08
N MET A 201 -12.77 20.60 -16.85
N MET A 201 -12.79 20.55 -16.86
CA MET A 201 -12.79 20.48 -18.32
CA MET A 201 -12.87 20.54 -18.34
C MET A 201 -13.48 19.18 -18.70
C MET A 201 -13.34 19.17 -18.83
N LEU A 202 -13.02 18.09 -18.10
CA LEU A 202 -13.44 16.73 -18.49
C LEU A 202 -14.96 16.58 -18.33
N THR A 203 -15.57 17.25 -17.35
CA THR A 203 -17.00 17.05 -17.01
C THR A 203 -17.86 18.23 -17.48
N ALA A 204 -17.27 19.22 -18.14
CA ALA A 204 -18.03 20.39 -18.65
C ALA A 204 -19.03 19.97 -19.73
N GLN A 205 -19.92 20.90 -20.11
CA GLN A 205 -20.87 20.72 -21.26
C GLN A 205 -21.68 19.44 -21.10
N GLY A 206 -22.07 19.11 -19.87
CA GLY A 206 -22.94 17.95 -19.61
C GLY A 206 -22.16 16.65 -19.67
N GLY A 207 -20.84 16.67 -19.40
CA GLY A 207 -20.06 15.41 -19.35
C GLY A 207 -19.33 15.15 -20.65
N ILE A 208 -18.71 16.16 -21.26
CA ILE A 208 -18.13 16.00 -22.62
C ILE A 208 -17.16 14.82 -22.66
N VAL A 209 -16.32 14.65 -21.64
CA VAL A 209 -15.40 13.48 -21.61
C VAL A 209 -15.93 12.43 -20.66
N GLY A 210 -16.48 12.81 -19.52
CA GLY A 210 -17.04 11.83 -18.59
C GLY A 210 -17.45 12.51 -17.28
N TRP A 211 -17.29 11.77 -16.19
CA TRP A 211 -17.83 12.07 -14.85
C TRP A 211 -16.68 12.20 -13.86
N ARG A 212 -16.94 12.87 -12.75
CA ARG A 212 -15.97 12.93 -11.64
C ARG A 212 -16.71 12.81 -10.32
N THR A 213 -16.07 12.16 -9.35
CA THR A 213 -16.59 12.16 -7.96
C THR A 213 -15.46 11.85 -7.00
N PRO A 214 -15.60 12.20 -5.70
CA PRO A 214 -14.64 11.77 -4.69
C PRO A 214 -14.80 10.29 -4.34
N LEU A 215 -13.73 9.69 -3.80
CA LEU A 215 -13.75 8.29 -3.36
C LEU A 215 -14.89 8.03 -2.37
N ALA A 216 -15.18 8.96 -1.47
CA ALA A 216 -16.25 8.73 -0.44
C ALA A 216 -17.60 8.46 -1.11
N GLN A 217 -17.91 9.07 -2.26
CA GLN A 217 -19.20 8.82 -2.98
C GLN A 217 -19.22 7.43 -3.59
N LEU A 218 -18.08 6.95 -4.11
CA LEU A 218 -17.98 5.59 -4.65
C LEU A 218 -18.17 4.60 -3.50
N GLN A 219 -17.48 4.83 -2.37
CA GLN A 219 -17.55 3.90 -1.20
C GLN A 219 -19.01 3.81 -0.71
N ALA A 220 -19.75 4.92 -0.68
CA ALA A 220 -21.17 4.96 -0.29
C ALA A 220 -21.98 3.99 -1.16
N GLY A 221 -21.70 3.89 -2.47
CA GLY A 221 -22.43 3.00 -3.38
C GLY A 221 -22.17 1.51 -3.21
N VAL A 222 -21.00 1.10 -2.71
CA VAL A 222 -20.64 -0.36 -2.58
C VAL A 222 -20.82 -0.84 -1.14
N MET B 4 15.01 24.48 -40.77
CA MET B 4 15.29 25.50 -41.83
C MET B 4 14.35 26.72 -41.68
N ILE B 5 13.14 26.63 -41.12
CA ILE B 5 12.39 27.84 -40.70
C ILE B 5 12.35 27.82 -39.19
N ARG B 6 12.80 28.89 -38.56
CA ARG B 6 12.97 28.91 -37.09
C ARG B 6 12.05 30.01 -36.58
N ILE B 7 11.12 29.65 -35.70
CA ILE B 7 9.99 30.47 -35.18
C ILE B 7 10.28 30.67 -33.69
N ASP B 8 10.20 31.88 -33.18
CA ASP B 8 10.17 32.13 -31.73
C ASP B 8 8.87 31.53 -31.23
N ALA B 9 8.96 30.74 -30.18
CA ALA B 9 7.81 29.99 -29.64
C ALA B 9 8.08 29.75 -28.15
N THR B 10 7.04 29.37 -27.44
CA THR B 10 7.05 28.82 -26.07
C THR B 10 6.98 27.32 -26.20
N PRO B 11 7.78 26.53 -25.46
CA PRO B 11 8.72 27.05 -24.44
C PRO B 11 10.12 27.38 -24.94
N TYR B 12 10.43 27.09 -26.21
CA TYR B 12 11.70 27.43 -26.87
C TYR B 12 11.46 27.45 -28.37
N PRO B 13 12.39 27.98 -29.19
CA PRO B 13 12.11 28.10 -30.62
C PRO B 13 11.77 26.76 -31.28
N TYR B 14 10.91 26.86 -32.28
CA TYR B 14 10.43 25.72 -33.08
C TYR B 14 11.00 25.86 -34.49
N GLN B 15 11.58 24.79 -34.96
CA GLN B 15 12.24 24.71 -36.27
C GLN B 15 11.49 23.71 -37.13
N PHE B 16 11.19 24.03 -38.36
CA PHE B 16 10.57 23.05 -39.27
C PHE B 16 10.97 23.31 -40.72
N HIS B 17 10.73 22.31 -41.56
CA HIS B 17 10.90 22.41 -43.03
C HIS B 17 9.55 22.20 -43.70
N PRO B 18 9.08 23.13 -44.57
CA PRO B 18 7.81 22.99 -45.26
C PRO B 18 7.61 21.62 -45.91
N ARG B 19 8.67 20.98 -46.41
CA ARG B 19 8.49 19.71 -47.15
C ARG B 19 8.03 18.61 -46.18
N SER B 20 8.30 18.73 -44.88
CA SER B 20 8.00 17.67 -43.88
C SER B 20 7.08 18.21 -42.79
N THR B 21 6.29 19.23 -43.11
CA THR B 21 5.36 19.86 -42.16
C THR B 21 3.97 19.90 -42.78
N ALA B 22 2.95 19.66 -41.96
CA ALA B 22 1.53 19.87 -42.39
C ALA B 22 0.87 20.89 -41.47
N LEU B 23 -0.08 21.65 -41.99
CA LEU B 23 -1.02 22.44 -41.18
C LEU B 23 -2.27 21.58 -40.96
N VAL B 24 -2.66 21.45 -39.71
CA VAL B 24 -3.87 20.67 -39.36
C VAL B 24 -4.89 21.65 -38.78
N VAL B 25 -6.02 21.81 -39.48
CA VAL B 25 -7.12 22.74 -39.10
C VAL B 25 -8.26 21.89 -38.53
N ILE B 26 -8.55 22.05 -37.25
CA ILE B 26 -9.44 21.11 -36.53
C ILE B 26 -10.85 21.67 -36.32
N ASP B 27 -11.83 21.00 -36.90
CA ASP B 27 -13.28 21.10 -36.61
C ASP B 27 -13.84 22.51 -36.82
N MET B 28 -13.43 23.21 -37.87
CA MET B 28 -13.92 24.60 -38.12
C MET B 28 -15.24 24.53 -38.89
N GLN B 29 -16.23 23.94 -38.23
CA GLN B 29 -17.51 23.52 -38.83
C GLN B 29 -18.65 24.41 -38.34
N ARG B 30 -19.71 24.53 -39.15
CA ARG B 30 -20.94 25.26 -38.72
C ARG B 30 -21.57 24.56 -37.49
N ASP B 31 -21.33 23.28 -37.26
CA ASP B 31 -21.89 22.56 -36.06
C ASP B 31 -21.28 23.14 -34.77
N PHE B 32 -20.08 23.76 -34.84
CA PHE B 32 -19.41 24.33 -33.65
C PHE B 32 -19.50 25.86 -33.62
N ILE B 33 -19.50 26.53 -34.78
CA ILE B 33 -19.24 27.98 -34.86
C ILE B 33 -20.55 28.74 -35.07
N GLU B 34 -21.57 28.08 -35.62
CA GLU B 34 -22.88 28.73 -35.93
C GLU B 34 -23.88 28.34 -34.87
N GLU B 35 -24.74 29.28 -34.48
CA GLU B 35 -25.80 29.00 -33.47
C GLU B 35 -26.71 27.93 -34.06
N GLY B 36 -27.10 26.95 -33.25
CA GLY B 36 -28.21 26.03 -33.58
C GLY B 36 -27.71 24.65 -33.98
N GLY B 37 -26.39 24.43 -33.93
CA GLY B 37 -25.87 23.07 -34.19
C GLY B 37 -25.48 22.32 -32.93
N PHE B 38 -24.52 21.39 -33.04
CA PHE B 38 -24.05 20.54 -31.94
C PHE B 38 -23.54 21.39 -30.76
N GLY B 39 -22.67 22.37 -31.01
CA GLY B 39 -22.13 23.22 -29.93
C GLY B 39 -23.25 23.89 -29.14
N SER B 40 -24.27 24.45 -29.82
CA SER B 40 -25.43 25.09 -29.16
C SER B 40 -26.27 24.04 -28.40
N ALA B 41 -26.35 22.84 -28.97
CA ALA B 41 -27.20 21.74 -28.44
C ALA B 41 -26.63 21.34 -27.08
N LEU B 42 -25.33 21.46 -26.92
CA LEU B 42 -24.64 21.11 -25.64
C LEU B 42 -24.88 22.21 -24.59
N GLY B 43 -25.65 23.27 -24.91
CA GLY B 43 -25.93 24.42 -24.00
C GLY B 43 -24.90 25.53 -24.04
N ASN B 44 -23.98 25.50 -25.03
CA ASN B 44 -22.92 26.54 -25.13
C ASN B 44 -23.43 27.78 -25.85
N ASP B 45 -22.84 28.90 -25.51
CA ASP B 45 -22.91 30.13 -26.33
C ASP B 45 -21.70 30.08 -27.24
N VAL B 46 -21.96 29.79 -28.51
CA VAL B 46 -20.91 29.48 -29.52
C VAL B 46 -20.26 30.77 -30.04
N ARG B 47 -20.73 31.93 -29.61
CA ARG B 47 -20.32 33.20 -30.28
C ARG B 47 -18.82 33.49 -30.20
N PRO B 48 -18.05 33.11 -29.15
CA PRO B 48 -16.60 33.44 -29.12
C PRO B 48 -15.74 32.78 -30.22
N LEU B 49 -16.19 31.70 -30.85
CA LEU B 49 -15.33 30.98 -31.82
C LEU B 49 -15.19 31.80 -33.11
N ALA B 50 -16.23 32.56 -33.48
CA ALA B 50 -16.23 33.34 -34.75
C ALA B 50 -15.01 34.29 -34.81
N ALA B 51 -14.56 34.81 -33.67
CA ALA B 51 -13.51 35.86 -33.62
C ALA B 51 -12.19 35.40 -34.26
N ILE B 52 -11.91 34.10 -34.30
CA ILE B 52 -10.63 33.59 -34.80
C ILE B 52 -10.68 33.32 -36.31
N VAL B 53 -11.85 33.29 -36.92
CA VAL B 53 -11.95 32.77 -38.31
C VAL B 53 -11.05 33.55 -39.26
N PRO B 54 -10.94 34.89 -39.22
CA PRO B 54 -9.95 35.59 -40.03
C PRO B 54 -8.49 35.19 -39.79
N THR B 55 -8.12 34.85 -38.56
CA THR B 55 -6.74 34.41 -38.24
C THR B 55 -6.49 33.01 -38.81
N VAL B 56 -7.45 32.12 -38.66
CA VAL B 56 -7.34 30.76 -39.26
C VAL B 56 -7.21 30.90 -40.79
N ALA B 57 -8.00 31.78 -41.42
CA ALA B 57 -7.97 32.00 -42.89
C ALA B 57 -6.56 32.47 -43.29
N ALA B 58 -5.95 33.39 -42.56
CA ALA B 58 -4.58 33.88 -42.84
C ALA B 58 -3.56 32.76 -42.69
N LEU B 59 -3.74 31.90 -41.69
CA LEU B 59 -2.86 30.73 -41.47
C LEU B 59 -2.99 29.78 -42.64
N LEU B 60 -4.22 29.46 -43.06
CA LEU B 60 -4.43 28.59 -44.23
C LEU B 60 -3.73 29.16 -45.47
N GLN B 61 -3.88 30.46 -45.71
CA GLN B 61 -3.25 31.13 -46.88
C GLN B 61 -1.73 30.99 -46.82
N LEU B 62 -1.15 31.21 -45.64
CA LEU B 62 0.30 31.10 -45.38
C LEU B 62 0.78 29.68 -45.74
N ALA B 63 0.07 28.63 -45.27
CA ALA B 63 0.45 27.26 -45.58
C ALA B 63 0.33 26.97 -47.08
N ARG B 64 -0.72 27.45 -47.73
CA ARG B 64 -0.90 27.23 -49.19
C ARG B 64 0.24 27.92 -49.93
N GLU B 65 0.55 29.14 -49.56
CA GLU B 65 1.64 29.89 -50.24
C GLU B 65 2.99 29.22 -50.00
N ALA B 66 3.22 28.55 -48.85
CA ALA B 66 4.48 27.82 -48.54
C ALA B 66 4.53 26.44 -49.21
N GLY B 67 3.43 25.96 -49.78
CA GLY B 67 3.33 24.67 -50.45
C GLY B 67 3.28 23.51 -49.47
N MET B 68 2.85 23.75 -48.22
CA MET B 68 2.75 22.68 -47.20
C MET B 68 1.46 21.90 -47.38
N LEU B 69 1.48 20.64 -46.98
CA LEU B 69 0.29 19.79 -46.90
C LEU B 69 -0.68 20.45 -45.91
N VAL B 70 -1.94 20.52 -46.29
CA VAL B 70 -3.02 21.00 -45.39
C VAL B 70 -3.99 19.85 -45.12
N VAL B 71 -4.29 19.67 -43.83
CA VAL B 71 -5.22 18.64 -43.32
C VAL B 71 -6.36 19.32 -42.61
N HIS B 72 -7.60 19.03 -43.00
CA HIS B 72 -8.80 19.56 -42.32
C HIS B 72 -9.46 18.39 -41.61
N THR B 73 -9.93 18.58 -40.38
CA THR B 73 -10.72 17.53 -39.70
C THR B 73 -12.16 18.03 -39.51
N ARG B 74 -13.08 17.10 -39.51
CA ARG B 74 -14.51 17.34 -39.31
C ARG B 74 -14.99 16.28 -38.33
N GLU B 75 -15.52 16.68 -37.20
CA GLU B 75 -16.16 15.71 -36.29
C GLU B 75 -17.50 15.36 -36.95
N SER B 76 -17.70 14.09 -37.28
CA SER B 76 -18.90 13.71 -38.04
C SER B 76 -19.18 12.21 -37.91
N HIS B 77 -20.40 11.82 -38.17
CA HIS B 77 -20.80 10.40 -38.12
C HIS B 77 -21.45 9.99 -39.44
N LEU B 78 -21.33 8.71 -39.75
CA LEU B 78 -22.08 8.15 -40.90
C LEU B 78 -23.57 8.40 -40.69
N PRO B 79 -24.37 8.60 -41.76
CA PRO B 79 -25.78 8.85 -41.56
C PRO B 79 -26.52 7.78 -40.73
N ASP B 80 -26.11 6.52 -40.79
CA ASP B 80 -26.76 5.42 -40.02
C ASP B 80 -26.26 5.39 -38.57
N LEU B 81 -25.33 6.27 -38.20
CA LEU B 81 -24.76 6.40 -36.82
C LEU B 81 -24.08 5.09 -36.40
N SER B 82 -23.59 4.31 -37.34
CA SER B 82 -22.95 3.02 -37.05
C SER B 82 -21.52 3.23 -36.47
N ASP B 83 -20.95 4.44 -36.58
CA ASP B 83 -19.62 4.77 -36.00
C ASP B 83 -19.80 5.73 -34.83
N CYS B 84 -21.01 5.83 -34.27
CA CYS B 84 -21.32 6.73 -33.15
C CYS B 84 -21.59 5.85 -31.92
N PRO B 85 -20.66 5.81 -30.95
CA PRO B 85 -20.84 4.98 -29.75
C PRO B 85 -22.11 5.38 -29.02
N ARG B 86 -22.79 4.40 -28.42
CA ARG B 86 -24.05 4.63 -27.71
C ARG B 86 -23.79 5.63 -26.57
N SER B 87 -22.63 5.54 -25.92
CA SER B 87 -22.29 6.45 -24.82
C SER B 87 -22.36 7.90 -25.32
N LYS B 88 -21.78 8.16 -26.48
CA LYS B 88 -21.69 9.56 -26.99
C LYS B 88 -23.10 10.10 -27.31
N ARG B 89 -23.93 9.26 -27.92
CA ARG B 89 -25.33 9.62 -28.27
C ARG B 89 -26.14 9.93 -27.03
N LEU B 90 -25.94 9.19 -25.93
CA LEU B 90 -26.80 9.31 -24.75
C LEU B 90 -26.20 10.26 -23.71
N ARG B 91 -25.00 10.77 -23.92
CA ARG B 91 -24.37 11.68 -22.94
C ARG B 91 -25.19 12.93 -22.72
N GLY B 92 -25.30 13.36 -21.45
CA GLY B 92 -25.90 14.65 -21.08
C GLY B 92 -27.39 14.70 -21.37
N ASN B 93 -27.92 15.91 -21.43
CA ASN B 93 -29.35 16.18 -21.80
C ASN B 93 -29.35 17.26 -22.87
N PRO B 94 -28.83 17.00 -24.09
CA PRO B 94 -28.78 18.08 -25.08
C PRO B 94 -30.19 18.48 -25.54
N THR B 95 -30.32 19.73 -26.04
CA THR B 95 -31.57 20.25 -26.65
C THR B 95 -31.94 19.23 -27.75
N LEU B 96 -31.00 19.00 -28.66
CA LEU B 96 -31.12 17.93 -29.67
C LEU B 96 -29.88 17.04 -29.55
N GLY B 97 -30.01 15.76 -29.88
CA GLY B 97 -28.91 14.80 -29.84
C GLY B 97 -28.31 14.61 -31.21
N ILE B 98 -27.19 13.89 -31.28
CA ILE B 98 -26.55 13.51 -32.57
C ILE B 98 -27.59 12.83 -33.45
N GLY B 99 -27.71 13.32 -34.68
CA GLY B 99 -28.61 12.77 -35.70
C GLY B 99 -29.97 13.38 -35.63
N ASP B 100 -30.33 14.08 -34.55
CA ASP B 100 -31.62 14.83 -34.50
C ASP B 100 -31.59 16.02 -35.46
N VAL B 101 -32.72 16.40 -36.01
CA VAL B 101 -32.78 17.50 -36.99
C VAL B 101 -32.75 18.84 -36.25
N GLY B 102 -31.72 19.63 -36.46
CA GLY B 102 -31.69 21.03 -35.98
C GLY B 102 -31.96 21.98 -37.15
N PRO B 103 -31.78 23.29 -36.96
CA PRO B 103 -31.96 24.25 -38.06
C PRO B 103 -30.96 24.10 -39.21
N MET B 104 -29.82 23.39 -39.03
CA MET B 104 -28.87 23.16 -40.16
C MET B 104 -28.79 21.67 -40.53
N GLY B 105 -29.84 20.91 -40.24
CA GLY B 105 -29.96 19.49 -40.58
C GLY B 105 -29.61 18.58 -39.40
N ARG B 106 -29.32 17.34 -39.70
CA ARG B 106 -29.05 16.30 -38.66
C ARG B 106 -27.72 16.68 -37.97
N ILE B 107 -27.78 16.76 -36.65
CA ILE B 107 -26.63 17.22 -35.83
C ILE B 107 -25.46 16.23 -35.90
N LEU B 108 -24.27 16.74 -36.26
CA LEU B 108 -22.99 15.98 -36.32
C LEU B 108 -23.04 14.81 -37.32
N VAL B 109 -23.84 14.91 -38.39
CA VAL B 109 -23.93 13.85 -39.42
C VAL B 109 -23.29 14.28 -40.72
N GLN B 110 -22.54 13.38 -41.31
CA GLN B 110 -21.85 13.60 -42.59
C GLN B 110 -22.87 13.95 -43.66
N GLY B 111 -22.54 14.97 -44.45
CA GLY B 111 -23.35 15.38 -45.61
C GLY B 111 -24.35 16.45 -45.25
N GLU B 112 -24.57 16.77 -43.97
CA GLU B 112 -25.56 17.76 -43.55
C GLU B 112 -24.96 19.16 -43.63
N PRO B 113 -25.77 20.19 -43.97
CA PRO B 113 -25.23 21.55 -44.04
C PRO B 113 -24.47 21.98 -42.78
N GLY B 114 -25.03 21.71 -41.60
CA GLY B 114 -24.39 22.17 -40.36
C GLY B 114 -23.10 21.44 -40.06
N ASN B 115 -22.84 20.32 -40.68
CA ASN B 115 -21.58 19.58 -40.41
C ASN B 115 -20.42 20.13 -41.24
N GLN B 116 -20.70 20.98 -42.24
CA GLN B 116 -19.67 21.41 -43.22
C GLN B 116 -18.66 22.35 -42.55
N ILE B 117 -17.44 22.25 -43.07
CA ILE B 117 -16.38 23.27 -42.78
C ILE B 117 -16.93 24.63 -43.25
N LEU B 118 -16.67 25.70 -42.51
CA LEU B 118 -17.09 27.06 -42.96
C LEU B 118 -16.58 27.27 -44.38
N PRO B 119 -17.43 27.79 -45.27
CA PRO B 119 -16.99 28.04 -46.65
C PRO B 119 -15.71 28.86 -46.75
N GLN B 120 -15.51 29.79 -45.81
CA GLN B 120 -14.34 30.68 -45.81
C GLN B 120 -13.03 29.93 -45.46
N LEU B 121 -13.13 28.68 -45.00
CA LEU B 121 -12.01 27.84 -44.55
C LEU B 121 -12.05 26.51 -45.28
N ALA B 122 -12.77 26.46 -46.39
CA ALA B 122 -13.05 25.15 -47.02
C ALA B 122 -11.75 24.62 -47.64
N PRO B 123 -11.65 23.29 -47.72
CA PRO B 123 -10.56 22.62 -48.42
C PRO B 123 -10.55 22.90 -49.93
N VAL B 124 -9.36 22.91 -50.49
CA VAL B 124 -9.14 23.00 -51.97
C VAL B 124 -8.52 21.70 -52.42
N GLU B 125 -8.48 21.50 -53.74
CA GLU B 125 -7.89 20.29 -54.35
C GLU B 125 -6.49 20.07 -53.82
N GLY B 126 -6.19 18.86 -53.33
CA GLY B 126 -4.86 18.46 -52.86
C GLY B 126 -4.71 18.55 -51.35
N GLU B 127 -5.73 19.03 -50.65
CA GLU B 127 -5.76 18.99 -49.17
C GLU B 127 -6.41 17.71 -48.70
N LEU B 128 -5.99 17.24 -47.53
CA LEU B 128 -6.52 16.02 -46.90
C LEU B 128 -7.70 16.40 -46.02
N VAL B 129 -8.81 15.68 -46.13
CA VAL B 129 -9.99 15.93 -45.28
C VAL B 129 -10.27 14.67 -44.49
N ILE B 130 -10.24 14.80 -43.18
CA ILE B 130 -10.41 13.67 -42.22
C ILE B 130 -11.77 13.80 -41.55
N ASP B 131 -12.68 12.85 -41.76
CA ASP B 131 -13.90 12.73 -40.93
C ASP B 131 -13.59 11.87 -39.71
N LYS B 132 -13.76 12.40 -38.52
CA LYS B 132 -13.41 11.64 -37.31
C LYS B 132 -14.63 11.46 -36.43
N PRO B 133 -14.82 10.24 -35.84
CA PRO B 133 -15.96 10.01 -34.96
C PRO B 133 -15.77 10.40 -33.49
N GLY B 134 -14.55 10.82 -33.13
CA GLY B 134 -14.21 11.21 -31.76
C GLY B 134 -13.65 12.63 -31.75
N LYS B 135 -13.22 13.05 -30.59
CA LYS B 135 -12.54 14.37 -30.45
C LYS B 135 -11.12 14.34 -31.05
N GLY B 136 -10.40 13.22 -30.93
CA GLY B 136 -9.01 13.07 -31.39
C GLY B 136 -8.96 12.76 -32.89
N ALA B 137 -8.15 13.46 -33.65
CA ALA B 137 -8.03 13.33 -35.11
C ALA B 137 -7.42 11.98 -35.51
N PHE B 138 -6.76 11.27 -34.59
CA PHE B 138 -6.05 10.02 -34.93
C PHE B 138 -6.92 8.79 -34.72
N TYR B 139 -7.91 8.88 -33.84
CA TYR B 139 -8.68 7.67 -33.47
C TYR B 139 -9.66 7.33 -34.59
N ALA B 140 -9.56 6.08 -35.07
CA ALA B 140 -10.48 5.50 -36.06
C ALA B 140 -10.41 6.29 -37.37
N THR B 141 -9.27 6.91 -37.65
CA THR B 141 -8.97 7.55 -38.95
C THR B 141 -7.67 7.01 -39.53
N ASP B 142 -7.41 7.37 -40.78
CA ASP B 142 -6.11 6.98 -41.36
C ASP B 142 -5.12 8.14 -41.27
N LEU B 143 -5.29 9.11 -40.38
CA LEU B 143 -4.42 10.31 -40.42
C LEU B 143 -2.93 9.93 -40.23
N HIS B 144 -2.60 9.07 -39.26
CA HIS B 144 -1.20 8.69 -38.95
C HIS B 144 -0.57 8.05 -40.21
N ALA B 145 -1.27 7.11 -40.82
CA ALA B 145 -0.80 6.45 -42.05
C ALA B 145 -0.62 7.47 -43.17
N GLN B 146 -1.57 8.38 -43.35
CA GLN B 146 -1.49 9.40 -44.42
C GLN B 146 -0.29 10.31 -44.21
N LEU B 147 -0.02 10.75 -42.98
CA LEU B 147 1.17 11.58 -42.72
C LEU B 147 2.48 10.77 -42.88
N GLN B 148 2.51 9.52 -42.43
CA GLN B 148 3.73 8.68 -42.50
C GLN B 148 4.10 8.42 -43.98
N GLU B 149 3.10 8.20 -44.83
CA GLU B 149 3.31 7.99 -46.27
C GLU B 149 3.91 9.26 -46.91
N ARG B 150 3.61 10.45 -46.39
CA ARG B 150 4.18 11.72 -46.92
C ARG B 150 5.40 12.16 -46.12
N ARG B 151 5.88 11.35 -45.18
CA ARG B 151 7.08 11.63 -44.35
C ARG B 151 6.95 12.99 -43.64
N ILE B 152 5.78 13.24 -43.08
CA ILE B 152 5.53 14.46 -42.28
C ILE B 152 6.03 14.19 -40.85
N THR B 153 6.81 15.09 -40.29
CA THR B 153 7.33 14.98 -38.92
C THR B 153 6.81 16.13 -38.03
N HIS B 154 6.43 17.24 -38.63
CA HIS B 154 6.04 18.51 -37.95
C HIS B 154 4.59 18.87 -38.27
N LEU B 155 3.83 19.34 -37.27
CA LEU B 155 2.43 19.77 -37.46
C LEU B 155 2.25 21.16 -36.87
N LEU B 156 1.72 22.06 -37.67
CA LEU B 156 1.15 23.34 -37.24
C LEU B 156 -0.34 23.10 -36.94
N VAL B 157 -0.81 23.51 -35.78
CA VAL B 157 -2.16 23.09 -35.32
C VAL B 157 -3.02 24.32 -35.09
N ALA B 158 -4.28 24.29 -35.54
CA ALA B 158 -5.23 25.38 -35.33
C ALA B 158 -6.64 24.79 -35.19
N GLY B 159 -7.55 25.56 -34.62
CA GLY B 159 -8.97 25.23 -34.72
C GLY B 159 -9.71 25.25 -33.41
N VAL B 160 -10.82 24.52 -33.37
CA VAL B 160 -11.72 24.55 -32.18
C VAL B 160 -12.12 23.14 -31.76
N THR B 161 -12.49 22.96 -30.49
CA THR B 161 -12.23 23.91 -29.41
C THR B 161 -10.91 23.56 -28.70
N THR B 162 -10.25 24.56 -28.13
CA THR B 162 -8.87 24.40 -27.62
C THR B 162 -8.76 23.21 -26.67
N GLU B 163 -9.66 23.11 -25.70
CA GLU B 163 -9.57 22.13 -24.63
C GLU B 163 -10.19 20.79 -25.01
N VAL B 164 -10.89 20.68 -26.15
CA VAL B 164 -11.50 19.38 -26.54
C VAL B 164 -10.74 18.82 -27.75
N SER B 165 -11.15 19.10 -28.96
CA SER B 165 -10.56 18.49 -30.17
C SER B 165 -9.09 18.91 -30.35
N VAL B 166 -8.76 20.16 -30.15
CA VAL B 166 -7.38 20.65 -30.38
C VAL B 166 -6.44 19.94 -29.42
N GLN B 167 -6.72 20.02 -28.13
CA GLN B 167 -5.76 19.40 -27.19
C GLN B 167 -5.78 17.88 -27.30
N THR B 168 -6.91 17.24 -27.61
CA THR B 168 -6.92 15.75 -27.76
C THR B 168 -6.05 15.35 -28.95
N SER B 169 -6.20 16.04 -30.08
CA SER B 169 -5.48 15.74 -31.32
C SER B 169 -3.97 15.99 -31.12
N MET B 170 -3.62 17.05 -30.43
CA MET B 170 -2.21 17.37 -30.18
C MET B 170 -1.57 16.36 -29.25
N ARG B 171 -2.26 15.97 -28.20
CA ARG B 171 -1.77 14.93 -27.29
C ARG B 171 -1.59 13.62 -28.06
N GLU B 172 -2.53 13.24 -28.93
CA GLU B 172 -2.34 12.02 -29.77
C GLU B 172 -1.09 12.20 -30.64
N ALA B 173 -0.92 13.37 -31.25
CA ALA B 173 0.15 13.58 -32.24
C ALA B 173 1.48 13.48 -31.48
N ASN B 174 1.55 14.07 -30.29
CA ASN B 174 2.78 14.01 -29.48
C ASN B 174 3.12 12.55 -29.19
N ASP B 175 2.12 11.73 -28.81
CA ASP B 175 2.40 10.32 -28.46
C ASP B 175 2.98 9.59 -29.69
N ARG B 176 2.55 9.99 -30.87
CA ARG B 176 2.94 9.34 -32.15
C ARG B 176 4.26 9.89 -32.70
N GLY B 177 4.94 10.80 -32.00
CA GLY B 177 6.28 11.31 -32.37
C GLY B 177 6.29 12.53 -33.24
N TYR B 178 5.15 13.22 -33.44
CA TYR B 178 5.13 14.48 -34.20
C TYR B 178 5.58 15.64 -33.32
N GLU B 179 6.22 16.61 -33.95
CA GLU B 179 6.54 17.91 -33.31
C GLU B 179 5.48 18.94 -33.65
N CYS B 180 4.67 19.35 -32.67
CA CYS B 180 3.45 20.18 -32.84
C CYS B 180 3.63 21.59 -32.30
N LEU B 181 3.31 22.56 -33.16
CA LEU B 181 3.22 23.99 -32.86
C LEU B 181 1.75 24.40 -32.96
N VAL B 182 1.14 24.77 -31.85
CA VAL B 182 -0.24 25.31 -31.86
C VAL B 182 -0.16 26.82 -32.03
N ILE B 183 -0.94 27.32 -32.96
CA ILE B 183 -1.01 28.77 -33.27
C ILE B 183 -2.09 29.34 -32.34
N GLU B 184 -1.65 30.05 -31.31
CA GLU B 184 -2.45 30.34 -30.09
C GLU B 184 -3.69 31.17 -30.42
N ASP B 185 -3.57 32.15 -31.30
CA ASP B 185 -4.69 33.04 -31.72
C ASP B 185 -5.47 32.45 -32.92
N ALA B 186 -5.13 31.24 -33.37
CA ALA B 186 -5.92 30.45 -34.34
C ALA B 186 -6.63 29.28 -33.66
N CYS B 187 -6.78 29.36 -32.35
N CYS B 187 -6.80 29.32 -32.35
CA CYS B 187 -7.59 28.43 -31.52
CA CYS B 187 -7.70 28.38 -31.65
C CYS B 187 -8.59 29.22 -30.67
C CYS B 187 -8.52 29.12 -30.60
N ALA B 188 -9.70 28.58 -30.32
CA ALA B 188 -10.67 29.17 -29.37
C ALA B 188 -11.50 28.10 -28.69
N SER B 189 -12.06 28.51 -27.58
CA SER B 189 -12.95 27.70 -26.73
C SER B 189 -14.27 28.42 -26.50
N TYR B 190 -15.30 27.69 -26.11
CA TYR B 190 -16.52 28.26 -25.51
C TYR B 190 -16.19 28.86 -24.14
N PHE B 191 -15.07 28.45 -23.54
CA PHE B 191 -14.71 28.83 -22.14
C PHE B 191 -13.32 29.50 -22.15
N PRO B 192 -13.23 30.85 -22.04
CA PRO B 192 -11.94 31.52 -22.07
C PRO B 192 -10.86 30.98 -21.12
N ASP B 193 -11.25 30.57 -19.92
CA ASP B 193 -10.29 30.04 -18.92
C ASP B 193 -9.73 28.69 -19.39
N PHE B 194 -10.57 27.87 -20.00
CA PHE B 194 -10.15 26.53 -20.52
C PHE B 194 -9.17 26.78 -21.69
N HIS B 195 -9.42 27.78 -22.54
CA HIS B 195 -8.48 28.11 -23.64
C HIS B 195 -7.10 28.44 -23.06
N ARG B 196 -7.06 29.37 -22.13
CA ARG B 196 -5.77 29.89 -21.60
C ARG B 196 -5.03 28.76 -20.89
N ILE B 197 -5.71 28.03 -20.01
CA ILE B 197 -4.99 27.03 -19.22
C ILE B 197 -4.57 25.86 -20.11
N THR B 198 -5.36 25.49 -21.12
CA THR B 198 -4.96 24.43 -22.03
C THR B 198 -3.62 24.81 -22.68
N LEU B 199 -3.50 26.00 -23.21
CA LEU B 199 -2.25 26.44 -23.89
C LEU B 199 -1.07 26.35 -22.92
N GLU B 200 -1.28 26.70 -21.64
CA GLU B 200 -0.23 26.57 -20.61
C GLU B 200 0.15 25.12 -20.36
N MET B 201 -0.82 24.22 -20.25
CA MET B 201 -0.57 22.77 -20.03
C MET B 201 0.22 22.20 -21.21
N LEU B 202 -0.12 22.57 -22.44
CA LEU B 202 0.49 21.90 -23.60
C LEU B 202 2.00 22.17 -23.64
N THR B 203 2.48 23.33 -23.15
CA THR B 203 3.90 23.74 -23.22
C THR B 203 4.57 23.69 -21.85
N ALA B 204 3.90 23.18 -20.84
CA ALA B 204 4.47 23.07 -19.47
C ALA B 204 5.64 22.06 -19.42
N GLN B 205 6.46 22.10 -18.37
CA GLN B 205 7.55 21.13 -18.13
C GLN B 205 8.51 21.04 -19.33
N GLY B 206 8.81 22.16 -19.99
CA GLY B 206 9.77 22.19 -21.11
C GLY B 206 9.17 21.67 -22.41
N GLY B 207 7.85 21.75 -22.60
CA GLY B 207 7.21 21.36 -23.88
C GLY B 207 6.60 19.97 -23.84
N ILE B 208 5.96 19.59 -22.74
CA ILE B 208 5.56 18.18 -22.56
C ILE B 208 4.69 17.70 -23.73
N VAL B 209 3.82 18.53 -24.29
CA VAL B 209 3.00 18.10 -25.48
C VAL B 209 3.58 18.75 -26.75
N GLY B 210 3.94 20.02 -26.68
CA GLY B 210 4.53 20.72 -27.83
C GLY B 210 4.78 22.18 -27.53
N TRP B 211 4.68 22.98 -28.58
CA TRP B 211 5.01 24.40 -28.62
C TRP B 211 3.77 25.24 -28.89
N ARG B 212 3.85 26.52 -28.59
CA ARG B 212 2.78 27.46 -28.99
C ARG B 212 3.38 28.81 -29.36
N THR B 213 2.72 29.51 -30.26
CA THR B 213 3.13 30.85 -30.68
C THR B 213 1.96 31.51 -31.38
N PRO B 214 1.86 32.85 -31.35
CA PRO B 214 0.87 33.57 -32.15
C PRO B 214 1.21 33.57 -33.65
N LEU B 215 0.19 33.77 -34.48
CA LEU B 215 0.34 33.77 -35.95
C LEU B 215 1.44 34.77 -36.37
N ALA B 216 1.51 35.93 -35.74
CA ALA B 216 2.52 36.95 -36.13
C ALA B 216 3.94 36.41 -36.07
N GLN B 217 4.28 35.57 -35.09
CA GLN B 217 5.63 34.95 -35.00
C GLN B 217 5.87 33.98 -36.15
N LEU B 218 4.85 33.20 -36.55
CA LEU B 218 4.98 32.34 -37.73
C LEU B 218 5.20 33.20 -38.99
N GLN B 219 4.38 34.25 -39.14
CA GLN B 219 4.43 35.08 -40.38
C GLN B 219 5.84 35.69 -40.49
N ALA B 220 6.43 36.05 -39.35
CA ALA B 220 7.78 36.68 -39.29
C ALA B 220 8.82 35.69 -39.79
N GLY B 221 8.63 34.40 -39.51
CA GLY B 221 9.62 33.37 -39.81
C GLY B 221 9.62 32.98 -41.26
N VAL B 222 8.46 33.00 -41.91
CA VAL B 222 8.37 32.75 -43.38
C VAL B 222 8.57 34.11 -44.05
N MET C 4 17.73 -21.57 -2.67
CA MET C 4 17.97 -21.19 -1.24
C MET C 4 18.47 -19.75 -1.24
N ILE C 5 18.19 -19.04 -0.15
CA ILE C 5 18.53 -17.62 -0.08
C ILE C 5 19.20 -17.43 1.26
N ARG C 6 20.34 -16.77 1.25
CA ARG C 6 21.07 -16.46 2.49
C ARG C 6 21.19 -14.96 2.59
N ILE C 7 20.79 -14.40 3.73
CA ILE C 7 20.63 -12.96 4.05
C ILE C 7 21.65 -12.60 5.15
N ASP C 8 22.32 -11.48 5.05
CA ASP C 8 23.02 -10.91 6.21
C ASP C 8 21.96 -10.54 7.27
N ALA C 9 22.21 -10.93 8.51
CA ALA C 9 21.30 -10.69 9.66
C ALA C 9 22.09 -10.73 10.95
N THR C 10 21.49 -10.26 12.02
CA THR C 10 21.97 -10.41 13.40
C THR C 10 21.15 -11.53 14.00
N PRO C 11 21.75 -12.50 14.73
CA PRO C 11 23.17 -12.47 15.10
C PRO C 11 24.17 -13.09 14.11
N TYR C 12 23.69 -13.78 13.08
CA TYR C 12 24.51 -14.34 11.99
C TYR C 12 23.57 -14.54 10.79
N PRO C 13 24.08 -14.87 9.59
CA PRO C 13 23.23 -14.95 8.42
C PRO C 13 22.05 -15.90 8.55
N TYR C 14 20.96 -15.49 7.91
CA TYR C 14 19.68 -16.21 7.94
C TYR C 14 19.49 -16.86 6.57
N GLN C 15 19.14 -18.12 6.56
CA GLN C 15 18.97 -18.89 5.31
C GLN C 15 17.52 -19.35 5.21
N PHE C 16 16.90 -19.24 4.04
CA PHE C 16 15.53 -19.71 3.85
C PHE C 16 15.29 -20.06 2.39
N HIS C 17 14.23 -20.82 2.19
CA HIS C 17 13.77 -21.23 0.85
C HIS C 17 12.34 -20.74 0.68
N PRO C 18 12.02 -20.00 -0.40
CA PRO C 18 10.65 -19.51 -0.57
C PRO C 18 9.53 -20.55 -0.52
N ARG C 19 9.76 -21.80 -0.93
CA ARG C 19 8.70 -22.82 -0.89
C ARG C 19 8.37 -23.23 0.56
N SER C 20 9.19 -22.89 1.53
CA SER C 20 8.99 -23.31 2.94
C SER C 20 9.01 -22.07 3.86
N THR C 21 8.77 -20.89 3.30
CA THR C 21 8.84 -19.61 4.06
C THR C 21 7.51 -18.86 3.95
N ALA C 22 7.01 -18.30 5.05
CA ALA C 22 5.83 -17.42 4.99
C ALA C 22 6.21 -16.05 5.54
N LEU C 23 5.58 -15.03 5.01
CA LEU C 23 5.58 -13.68 5.60
C LEU C 23 4.35 -13.59 6.51
N VAL C 24 4.56 -13.08 7.72
CA VAL C 24 3.50 -12.82 8.72
C VAL C 24 3.48 -11.33 9.02
N VAL C 25 2.40 -10.67 8.62
CA VAL C 25 2.23 -9.20 8.84
C VAL C 25 1.22 -9.03 10.00
N ILE C 26 1.66 -8.45 11.11
CA ILE C 26 0.93 -8.49 12.40
C ILE C 26 0.22 -7.17 12.66
N ASP C 27 -1.12 -7.20 12.72
CA ASP C 27 -2.01 -6.16 13.34
C ASP C 27 -1.81 -4.77 12.73
N MET C 28 -1.67 -4.64 11.42
CA MET C 28 -1.48 -3.33 10.79
C MET C 28 -2.88 -2.71 10.58
N GLN C 29 -3.57 -2.39 11.66
CA GLN C 29 -5.01 -2.06 11.67
C GLN C 29 -5.22 -0.57 11.86
N ARG C 30 -6.29 -0.06 11.23
CA ARG C 30 -6.55 1.40 11.15
C ARG C 30 -6.57 2.09 12.52
N ASP C 31 -7.18 1.46 13.53
CA ASP C 31 -7.35 2.14 14.84
C ASP C 31 -5.97 2.31 15.50
N PHE C 32 -4.99 1.47 15.17
CA PHE C 32 -3.65 1.52 15.82
C PHE C 32 -2.77 2.55 15.16
N ILE C 33 -3.02 2.91 13.90
CA ILE C 33 -2.05 3.62 13.04
C ILE C 33 -2.55 5.00 12.58
N GLU C 34 -3.83 5.15 12.27
CA GLU C 34 -4.37 6.40 11.68
C GLU C 34 -4.51 7.51 12.73
N GLU C 35 -4.21 8.75 12.30
CA GLU C 35 -4.42 9.98 13.12
C GLU C 35 -5.92 10.05 13.41
N GLY C 36 -6.30 10.21 14.68
CA GLY C 36 -7.73 10.25 15.07
C GLY C 36 -8.37 8.86 15.07
N GLY C 37 -7.58 7.78 15.05
CA GLY C 37 -8.10 6.47 15.47
C GLY C 37 -8.01 6.34 16.98
N PHE C 38 -8.38 5.18 17.52
CA PHE C 38 -8.36 4.96 18.99
C PHE C 38 -6.96 5.11 19.58
N GLY C 39 -5.93 4.57 18.90
CA GLY C 39 -4.55 4.66 19.44
C GLY C 39 -4.15 6.11 19.65
N SER C 40 -4.43 6.94 18.65
CA SER C 40 -4.19 8.41 18.66
C SER C 40 -5.01 9.06 19.76
N ALA C 41 -6.29 8.69 19.87
CA ALA C 41 -7.25 9.29 20.83
C ALA C 41 -6.71 9.15 22.26
N LEU C 42 -6.13 7.99 22.60
CA LEU C 42 -5.55 7.67 23.94
C LEU C 42 -4.28 8.48 24.21
N GLY C 43 -3.77 9.24 23.26
CA GLY C 43 -2.54 10.04 23.38
C GLY C 43 -1.27 9.30 22.94
N ASN C 44 -1.38 8.16 22.26
CA ASN C 44 -0.17 7.49 21.73
C ASN C 44 0.29 8.25 20.48
N ASP C 45 1.60 8.34 20.25
CA ASP C 45 2.17 8.93 19.02
C ASP C 45 2.18 7.84 17.94
N VAL C 46 1.27 7.94 16.98
CA VAL C 46 1.06 6.90 15.92
C VAL C 46 2.07 7.14 14.78
N ARG C 47 2.86 8.24 14.81
CA ARG C 47 3.73 8.62 13.64
C ARG C 47 4.74 7.51 13.32
N PRO C 48 5.40 6.86 14.29
CA PRO C 48 6.35 5.79 13.98
C PRO C 48 5.69 4.59 13.30
N LEU C 49 4.43 4.31 13.63
CA LEU C 49 3.67 3.20 13.00
C LEU C 49 3.35 3.59 11.55
N ALA C 50 2.86 4.81 11.33
CA ALA C 50 2.59 5.30 9.97
C ALA C 50 3.87 5.30 9.12
N ALA C 51 5.02 5.62 9.72
CA ALA C 51 6.31 5.73 9.04
C ALA C 51 6.75 4.41 8.40
N ILE C 52 6.36 3.24 8.92
CA ILE C 52 6.82 1.94 8.37
C ILE C 52 5.91 1.43 7.26
N VAL C 53 4.77 2.08 6.96
CA VAL C 53 3.82 1.47 6.00
C VAL C 53 4.47 1.23 4.64
N PRO C 54 5.25 2.15 4.04
CA PRO C 54 5.89 1.87 2.75
C PRO C 54 6.90 0.71 2.78
N THR C 55 7.60 0.56 3.90
CA THR C 55 8.50 -0.59 4.12
C THR C 55 7.73 -1.90 4.22
N VAL C 56 6.67 -1.96 5.03
CA VAL C 56 5.86 -3.19 5.11
C VAL C 56 5.28 -3.46 3.74
N ALA C 57 4.86 -2.41 3.00
CA ALA C 57 4.33 -2.69 1.65
C ALA C 57 5.39 -3.29 0.72
N ALA C 58 6.64 -2.80 0.79
CA ALA C 58 7.74 -3.32 -0.05
C ALA C 58 8.00 -4.76 0.32
N LEU C 59 7.89 -5.10 1.61
CA LEU C 59 8.10 -6.50 2.08
C LEU C 59 6.97 -7.41 1.58
N LEU C 60 5.74 -6.91 1.59
CA LEU C 60 4.59 -7.69 1.12
C LEU C 60 4.79 -7.96 -0.37
N GLN C 61 5.20 -6.93 -1.12
CA GLN C 61 5.43 -7.08 -2.58
C GLN C 61 6.54 -8.11 -2.83
N LEU C 62 7.61 -8.10 -2.02
CA LEU C 62 8.73 -9.08 -2.16
C LEU C 62 8.22 -10.50 -1.96
N ALA C 63 7.39 -10.73 -0.92
CA ALA C 63 6.81 -12.05 -0.62
C ALA C 63 5.91 -12.50 -1.77
N ARG C 64 5.11 -11.59 -2.29
CA ARG C 64 4.10 -11.95 -3.32
C ARG C 64 4.83 -12.28 -4.63
N GLU C 65 5.86 -11.51 -4.98
CA GLU C 65 6.66 -11.75 -6.20
C GLU C 65 7.45 -13.05 -6.07
N ALA C 66 7.88 -13.43 -4.87
CA ALA C 66 8.64 -14.69 -4.67
C ALA C 66 7.70 -15.89 -4.56
N GLY C 67 6.38 -15.68 -4.52
CA GLY C 67 5.37 -16.76 -4.43
C GLY C 67 5.32 -17.39 -3.05
N MET C 68 5.73 -16.67 -2.01
CA MET C 68 5.64 -17.18 -0.63
C MET C 68 4.21 -17.03 -0.11
N LEU C 69 3.85 -17.89 0.84
CA LEU C 69 2.62 -17.73 1.63
C LEU C 69 2.69 -16.40 2.40
N VAL C 70 1.60 -15.68 2.38
CA VAL C 70 1.42 -14.43 3.16
C VAL C 70 0.29 -14.65 4.16
N VAL C 71 0.57 -14.29 5.41
CA VAL C 71 -0.33 -14.43 6.57
C VAL C 71 -0.48 -13.03 7.14
N HIS C 72 -1.70 -12.59 7.27
CA HIS C 72 -2.04 -11.31 7.94
C HIS C 72 -2.74 -11.66 9.23
N THR C 73 -2.43 -10.92 10.31
CA THR C 73 -3.20 -11.07 11.56
C THR C 73 -3.91 -9.77 11.93
N ARG C 74 -5.07 -9.91 12.55
CA ARG C 74 -5.83 -8.77 13.11
C ARG C 74 -6.21 -9.14 14.54
N GLU C 75 -5.92 -8.27 15.49
CA GLU C 75 -6.44 -8.46 16.87
C GLU C 75 -7.92 -8.07 16.82
N SER C 76 -8.79 -8.99 17.19
CA SER C 76 -10.23 -8.76 17.02
C SER C 76 -11.01 -9.71 17.91
N HIS C 77 -12.24 -9.33 18.17
CA HIS C 77 -13.20 -10.21 18.89
C HIS C 77 -14.52 -10.30 18.14
N LEU C 78 -15.25 -11.39 18.36
CA LEU C 78 -16.63 -11.57 17.85
C LEU C 78 -17.49 -10.43 18.38
N PRO C 79 -18.50 -9.96 17.64
CA PRO C 79 -19.30 -8.82 18.11
C PRO C 79 -19.99 -9.05 19.46
N ASP C 80 -20.22 -10.27 19.89
CA ASP C 80 -20.84 -10.55 21.21
C ASP C 80 -19.73 -10.63 22.29
N LEU C 81 -18.46 -10.46 21.89
CA LEU C 81 -17.28 -10.50 22.78
C LEU C 81 -17.22 -11.82 23.57
N SER C 82 -17.78 -12.90 23.04
CA SER C 82 -17.74 -14.24 23.68
C SER C 82 -16.31 -14.79 23.70
N ASP C 83 -15.40 -14.28 22.85
CA ASP C 83 -13.99 -14.74 22.82
C ASP C 83 -13.10 -13.69 23.48
N CYS C 84 -13.68 -12.79 24.29
CA CYS C 84 -12.91 -11.74 24.97
C CYS C 84 -12.98 -12.09 26.45
N PRO C 85 -11.86 -12.56 27.03
CA PRO C 85 -11.87 -12.88 28.46
C PRO C 85 -12.27 -11.66 29.30
N ARG C 86 -12.97 -11.92 30.42
CA ARG C 86 -13.38 -10.82 31.33
C ARG C 86 -12.14 -10.04 31.78
N SER C 87 -11.06 -10.73 32.09
CA SER C 87 -9.81 -10.07 32.50
C SER C 87 -9.39 -8.99 31.47
N LYS C 88 -9.43 -9.35 30.20
CA LYS C 88 -8.96 -8.45 29.13
C LYS C 88 -9.89 -7.22 29.05
N ARG C 89 -11.22 -7.43 29.16
CA ARG C 89 -12.25 -6.36 29.09
C ARG C 89 -12.06 -5.37 30.25
N LEU C 90 -11.70 -5.85 31.43
CA LEU C 90 -11.64 -4.97 32.64
C LEU C 90 -10.27 -4.31 32.84
N ARG C 91 -9.22 -4.83 32.20
CA ARG C 91 -7.81 -4.41 32.43
C ARG C 91 -7.68 -2.89 32.23
N GLY C 92 -7.11 -2.21 33.20
CA GLY C 92 -6.75 -0.79 33.10
C GLY C 92 -7.91 0.12 33.48
N ASN C 93 -9.06 -0.44 33.89
CA ASN C 93 -10.26 0.34 34.33
C ASN C 93 -10.56 1.38 33.25
N PRO C 94 -10.75 0.97 31.98
CA PRO C 94 -10.73 1.91 30.89
C PRO C 94 -12.04 2.71 30.89
N THR C 95 -11.98 3.98 30.49
CA THR C 95 -13.18 4.84 30.30
C THR C 95 -13.85 4.37 28.99
N LEU C 96 -13.06 4.11 27.95
CA LEU C 96 -13.51 3.55 26.66
C LEU C 96 -12.79 2.20 26.46
N GLY C 97 -13.52 1.10 26.55
CA GLY C 97 -12.93 -0.24 26.54
C GLY C 97 -13.30 -1.03 25.33
N ILE C 98 -12.88 -2.30 25.31
CA ILE C 98 -13.23 -3.21 24.21
C ILE C 98 -14.75 -3.24 24.07
N GLY C 99 -15.22 -3.11 22.83
CA GLY C 99 -16.65 -3.20 22.51
C GLY C 99 -17.35 -1.86 22.58
N ASP C 100 -16.76 -0.86 23.23
CA ASP C 100 -17.27 0.53 23.32
C ASP C 100 -17.02 1.27 22.01
N VAL C 101 -17.85 2.27 21.74
CA VAL C 101 -17.77 3.02 20.45
C VAL C 101 -16.61 3.99 20.51
N GLY C 102 -15.57 3.72 19.72
CA GLY C 102 -14.44 4.65 19.59
C GLY C 102 -14.61 5.54 18.36
N PRO C 103 -13.58 6.34 17.99
CA PRO C 103 -13.64 7.17 16.78
C PRO C 103 -13.84 6.38 15.50
N MET C 104 -13.53 5.06 15.47
CA MET C 104 -13.72 4.26 14.22
C MET C 104 -14.59 3.02 14.47
N GLY C 105 -15.59 3.14 15.35
CA GLY C 105 -16.52 2.04 15.64
C GLY C 105 -16.13 1.32 16.92
N ARG C 106 -16.77 0.17 17.14
CA ARG C 106 -16.61 -0.62 18.38
C ARG C 106 -15.13 -1.07 18.47
N ILE C 107 -14.52 -0.77 19.59
CA ILE C 107 -13.08 -1.01 19.84
C ILE C 107 -12.78 -2.51 19.84
N LEU C 108 -11.89 -2.93 18.92
CA LEU C 108 -11.32 -4.29 18.83
C LEU C 108 -12.39 -5.29 18.38
N VAL C 109 -13.43 -4.85 17.67
CA VAL C 109 -14.50 -5.76 17.22
C VAL C 109 -14.37 -6.00 15.72
N GLN C 110 -14.56 -7.26 15.33
CA GLN C 110 -14.60 -7.79 13.94
C GLN C 110 -15.65 -7.00 13.13
N GLY C 111 -15.27 -6.54 11.94
CA GLY C 111 -16.22 -5.88 11.02
C GLY C 111 -16.28 -4.38 11.18
N GLU C 112 -15.68 -3.79 12.22
CA GLU C 112 -15.68 -2.33 12.41
C GLU C 112 -14.57 -1.71 11.57
N PRO C 113 -14.76 -0.46 11.09
CA PRO C 113 -13.74 0.25 10.31
C PRO C 113 -12.34 0.25 10.95
N GLY C 114 -12.28 0.55 12.25
CA GLY C 114 -11.02 0.66 13.00
C GLY C 114 -10.29 -0.68 13.05
N ASN C 115 -11.01 -1.77 12.91
CA ASN C 115 -10.46 -3.14 13.02
C ASN C 115 -9.76 -3.53 11.72
N GLN C 116 -10.08 -2.84 10.62
CA GLN C 116 -9.63 -3.29 9.28
C GLN C 116 -8.12 -3.04 9.09
N ILE C 117 -7.52 -3.91 8.32
CA ILE C 117 -6.11 -3.72 7.87
C ILE C 117 -6.02 -2.51 6.92
N LEU C 118 -4.98 -1.71 7.07
CA LEU C 118 -4.77 -0.52 6.22
C LEU C 118 -4.89 -0.94 4.76
N PRO C 119 -5.60 -0.17 3.93
CA PRO C 119 -5.66 -0.53 2.50
C PRO C 119 -4.34 -0.72 1.76
N GLN C 120 -3.30 0.01 2.15
N GLN C 120 -3.30 0.03 2.12
CA GLN C 120 -1.96 -0.07 1.52
CA GLN C 120 -1.95 -0.07 1.50
C GLN C 120 -1.34 -1.44 1.76
C GLN C 120 -1.39 -1.47 1.72
N LEU C 121 -1.84 -2.18 2.77
CA LEU C 121 -1.33 -3.51 3.15
C LEU C 121 -2.43 -4.58 3.12
N ALA C 122 -3.49 -4.36 2.36
CA ALA C 122 -4.67 -5.22 2.45
C ALA C 122 -4.34 -6.61 1.96
N PRO C 123 -4.91 -7.66 2.58
CA PRO C 123 -4.87 -9.00 2.02
C PRO C 123 -5.54 -9.07 0.66
N VAL C 124 -5.06 -9.97 -0.17
CA VAL C 124 -5.71 -10.38 -1.44
C VAL C 124 -6.00 -11.87 -1.37
N GLU C 125 -6.84 -12.37 -2.28
CA GLU C 125 -7.17 -13.82 -2.33
C GLU C 125 -5.91 -14.67 -2.45
N GLY C 126 -5.94 -15.81 -1.78
CA GLY C 126 -4.79 -16.74 -1.67
C GLY C 126 -3.95 -16.49 -0.41
N GLU C 127 -4.26 -15.47 0.39
CA GLU C 127 -3.49 -15.16 1.62
C GLU C 127 -4.29 -15.57 2.85
N LEU C 128 -3.60 -16.02 3.92
CA LEU C 128 -4.27 -16.40 5.19
C LEU C 128 -4.54 -15.13 5.95
N VAL C 129 -5.75 -14.97 6.46
CA VAL C 129 -6.06 -13.86 7.39
C VAL C 129 -6.52 -14.47 8.71
N ILE C 130 -5.80 -14.18 9.77
CA ILE C 130 -6.02 -14.74 11.13
C ILE C 130 -6.61 -13.62 11.98
N ASP C 131 -7.80 -13.83 12.48
CA ASP C 131 -8.39 -12.99 13.55
C ASP C 131 -7.97 -13.60 14.89
N LYS C 132 -7.23 -12.87 15.73
CA LYS C 132 -6.67 -13.47 16.96
C LYS C 132 -7.27 -12.73 18.16
N PRO C 133 -7.73 -13.47 19.18
CA PRO C 133 -8.31 -12.83 20.37
C PRO C 133 -7.27 -12.44 21.43
N GLY C 134 -6.00 -12.77 21.17
CA GLY C 134 -4.88 -12.42 22.06
C GLY C 134 -3.78 -11.68 21.31
N LYS C 135 -2.66 -11.39 21.98
CA LYS C 135 -1.52 -10.73 21.31
C LYS C 135 -0.79 -11.77 20.44
N GLY C 136 -0.71 -13.02 20.88
CA GLY C 136 0.02 -14.07 20.18
C GLY C 136 -0.80 -14.60 19.01
N ALA C 137 -0.22 -14.64 17.80
CA ALA C 137 -0.88 -15.12 16.57
C ALA C 137 -1.23 -16.61 16.66
N PHE C 138 -0.61 -17.37 17.56
CA PHE C 138 -0.81 -18.84 17.65
C PHE C 138 -1.94 -19.20 18.62
N TYR C 139 -2.22 -18.37 19.59
CA TYR C 139 -3.23 -18.69 20.64
C TYR C 139 -4.65 -18.57 20.06
N ALA C 140 -5.39 -19.69 20.14
CA ALA C 140 -6.83 -19.77 19.80
C ALA C 140 -7.07 -19.51 18.29
N THR C 141 -6.07 -19.76 17.47
CA THR C 141 -6.16 -19.61 16.00
C THR C 141 -5.78 -20.94 15.37
N ASP C 142 -6.03 -21.11 14.09
CA ASP C 142 -5.52 -22.37 13.51
C ASP C 142 -4.14 -22.14 12.87
N LEU C 143 -3.33 -21.16 13.29
CA LEU C 143 -2.17 -20.76 12.49
C LEU C 143 -1.15 -21.90 12.41
N HIS C 144 -0.78 -22.52 13.53
CA HIS C 144 0.25 -23.58 13.53
C HIS C 144 -0.18 -24.71 12.57
N ALA C 145 -1.42 -25.15 12.69
CA ALA C 145 -1.99 -26.21 11.81
C ALA C 145 -1.96 -25.77 10.33
N GLN C 146 -2.31 -24.52 10.04
CA GLN C 146 -2.32 -23.99 8.66
C GLN C 146 -0.88 -23.95 8.11
N LEU C 147 0.10 -23.52 8.91
CA LEU C 147 1.50 -23.46 8.47
C LEU C 147 2.03 -24.90 8.29
N GLN C 148 1.68 -25.82 9.19
CA GLN C 148 2.19 -27.22 9.11
C GLN C 148 1.60 -27.91 7.87
N GLU C 149 0.37 -27.57 7.46
CA GLU C 149 -0.25 -28.17 6.24
C GLU C 149 0.56 -27.78 5.00
N ARG C 150 1.20 -26.62 5.02
CA ARG C 150 1.94 -26.05 3.86
C ARG C 150 3.44 -26.28 4.04
N ARG C 151 3.85 -27.05 5.04
CA ARG C 151 5.26 -27.45 5.31
C ARG C 151 6.13 -26.20 5.49
N ILE C 152 5.60 -25.19 6.14
CA ILE C 152 6.37 -23.94 6.42
C ILE C 152 7.32 -24.17 7.59
N THR C 153 8.59 -23.79 7.47
CA THR C 153 9.66 -23.92 8.49
C THR C 153 10.18 -22.56 8.92
N HIS C 154 10.05 -21.55 8.05
CA HIS C 154 10.72 -20.24 8.18
C HIS C 154 9.63 -19.13 8.10
N LEU C 155 9.76 -18.10 8.94
CA LEU C 155 8.79 -16.98 8.98
C LEU C 155 9.55 -15.68 8.87
N LEU C 156 9.12 -14.80 7.96
CA LEU C 156 9.54 -13.38 7.94
C LEU C 156 8.45 -12.62 8.68
N VAL C 157 8.83 -11.73 9.58
CA VAL C 157 7.91 -11.11 10.57
C VAL C 157 7.99 -9.59 10.48
N ALA C 158 6.80 -8.99 10.37
CA ALA C 158 6.66 -7.52 10.40
C ALA C 158 5.38 -7.14 11.15
N GLY C 159 5.26 -5.87 11.52
CA GLY C 159 4.00 -5.35 12.06
C GLY C 159 4.16 -4.52 13.31
N VAL C 160 3.06 -4.39 14.04
CA VAL C 160 2.97 -3.51 15.24
C VAL C 160 2.20 -4.26 16.32
N THR C 161 2.43 -3.88 17.57
CA THR C 161 3.61 -3.15 17.96
C THR C 161 4.74 -4.14 18.29
N THR C 162 5.97 -3.67 18.20
CA THR C 162 7.18 -4.50 18.30
C THR C 162 7.14 -5.31 19.60
N GLU C 163 6.85 -4.65 20.71
CA GLU C 163 7.02 -5.28 22.04
C GLU C 163 5.78 -6.06 22.48
N VAL C 164 4.65 -5.92 21.78
CA VAL C 164 3.39 -6.60 22.18
C VAL C 164 3.13 -7.71 21.17
N SER C 165 2.34 -7.49 20.14
CA SER C 165 1.97 -8.64 19.28
C SER C 165 3.13 -9.20 18.46
N VAL C 166 4.09 -8.39 18.04
CA VAL C 166 5.22 -8.89 17.24
C VAL C 166 6.05 -9.82 18.12
N GLN C 167 6.49 -9.32 19.28
CA GLN C 167 7.38 -10.14 20.14
C GLN C 167 6.64 -11.40 20.62
N THR C 168 5.38 -11.28 20.99
CA THR C 168 4.58 -12.43 21.49
C THR C 168 4.48 -13.47 20.41
N SER C 169 4.16 -13.04 19.20
CA SER C 169 4.03 -13.99 18.06
C SER C 169 5.36 -14.64 17.75
N MET C 170 6.44 -13.89 17.75
CA MET C 170 7.75 -14.45 17.44
C MET C 170 8.19 -15.42 18.52
N ARG C 171 7.90 -15.12 19.81
CA ARG C 171 8.28 -16.05 20.88
C ARG C 171 7.48 -17.34 20.74
N GLU C 172 6.21 -17.26 20.43
CA GLU C 172 5.37 -18.47 20.21
C GLU C 172 5.91 -19.29 19.02
N ALA C 173 6.24 -18.64 17.91
CA ALA C 173 6.77 -19.29 16.67
C ALA C 173 8.07 -20.03 17.01
N ASN C 174 8.97 -19.38 17.73
CA ASN C 174 10.27 -19.96 18.10
C ASN C 174 10.04 -21.24 18.91
N ASP C 175 9.10 -21.20 19.85
CA ASP C 175 8.77 -22.39 20.69
C ASP C 175 8.27 -23.55 19.82
N ARG C 176 7.54 -23.21 18.75
CA ARG C 176 6.95 -24.18 17.81
C ARG C 176 7.94 -24.63 16.72
N GLY C 177 9.20 -24.23 16.75
CA GLY C 177 10.30 -24.71 15.90
C GLY C 177 10.47 -23.95 14.61
N TYR C 178 9.82 -22.79 14.45
CA TYR C 178 10.00 -21.94 13.25
C TYR C 178 11.29 -21.14 13.39
N GLU C 179 11.97 -20.90 12.25
CA GLU C 179 13.15 -20.03 12.14
C GLU C 179 12.66 -18.65 11.70
N CYS C 180 12.69 -17.68 12.59
CA CYS C 180 12.02 -16.37 12.40
C CYS C 180 13.02 -15.25 12.17
N LEU C 181 12.79 -14.47 11.12
CA LEU C 181 13.54 -13.25 10.83
C LEU C 181 12.58 -12.05 10.94
N VAL C 182 12.80 -11.18 11.92
CA VAL C 182 12.04 -9.91 12.05
C VAL C 182 12.71 -8.83 11.21
N ILE C 183 11.91 -8.20 10.38
CA ILE C 183 12.42 -7.13 9.48
C ILE C 183 12.32 -5.86 10.30
N GLU C 184 13.48 -5.36 10.75
CA GLU C 184 13.51 -4.43 11.92
C GLU C 184 12.96 -3.05 11.55
N ASP C 185 12.97 -2.67 10.28
CA ASP C 185 12.42 -1.36 9.85
C ASP C 185 11.01 -1.56 9.30
N ALA C 186 10.44 -2.77 9.44
CA ALA C 186 9.03 -3.06 9.11
C ALA C 186 8.25 -3.41 10.39
N CYS C 187 8.77 -2.98 11.54
N CYS C 187 8.76 -3.01 11.56
CA CYS C 187 8.11 -3.03 12.86
CA CYS C 187 7.98 -3.04 12.82
C CYS C 187 8.18 -1.65 13.49
C CYS C 187 8.23 -1.73 13.57
N ALA C 188 7.28 -1.38 14.42
CA ALA C 188 7.29 -0.12 15.18
C ALA C 188 6.49 -0.27 16.44
N SER C 189 6.75 0.66 17.37
CA SER C 189 6.09 0.75 18.67
C SER C 189 5.68 2.21 18.91
N TYR C 190 4.73 2.39 19.80
CA TYR C 190 4.42 3.72 20.40
C TYR C 190 5.58 4.16 21.31
N PHE C 191 6.41 3.22 21.78
CA PHE C 191 7.49 3.47 22.79
C PHE C 191 8.83 3.10 22.18
N PRO C 192 9.59 4.08 21.66
CA PRO C 192 10.86 3.75 21.02
C PRO C 192 11.83 2.87 21.83
N ASP C 193 11.90 3.04 23.16
CA ASP C 193 12.81 2.25 24.03
C ASP C 193 12.34 0.78 24.05
N PHE C 194 11.03 0.55 23.94
CA PHE C 194 10.48 -0.83 23.92
C PHE C 194 10.81 -1.48 22.57
N HIS C 195 10.75 -0.71 21.48
CA HIS C 195 11.11 -1.22 20.13
C HIS C 195 12.57 -1.68 20.17
N ARG C 196 13.48 -0.80 20.61
CA ARG C 196 14.94 -1.07 20.51
C ARG C 196 15.26 -2.27 21.42
N ILE C 197 14.78 -2.27 22.66
CA ILE C 197 15.18 -3.35 23.63
C ILE C 197 14.58 -4.69 23.17
N THR C 198 13.37 -4.67 22.61
CA THR C 198 12.74 -5.94 22.16
C THR C 198 13.59 -6.55 21.05
N LEU C 199 14.02 -5.75 20.07
CA LEU C 199 14.84 -6.26 18.95
C LEU C 199 16.16 -6.84 19.51
N GLU C 200 16.77 -6.20 20.48
CA GLU C 200 18.01 -6.70 21.11
C GLU C 200 17.73 -8.00 21.87
N MET C 201 16.61 -8.09 22.59
CA MET C 201 16.24 -9.30 23.36
C MET C 201 15.99 -10.47 22.42
N LEU C 202 15.29 -10.27 21.33
CA LEU C 202 14.95 -11.39 20.39
C LEU C 202 16.26 -12.03 19.85
N THR C 203 17.37 -11.31 19.67
CA THR C 203 18.55 -11.86 18.96
C THR C 203 19.71 -12.05 19.96
N ALA C 204 19.46 -11.86 21.24
CA ALA C 204 20.51 -12.02 22.28
C ALA C 204 20.95 -13.51 22.41
N GLN C 205 22.10 -13.71 23.05
CA GLN C 205 22.59 -15.06 23.41
C GLN C 205 22.69 -15.93 22.14
N GLY C 206 23.10 -15.35 21.01
CA GLY C 206 23.27 -16.11 19.75
C GLY C 206 21.95 -16.47 19.08
N GLY C 207 20.92 -15.63 19.22
CA GLY C 207 19.66 -15.82 18.46
C GLY C 207 18.64 -16.60 19.29
N ILE C 208 18.48 -16.23 20.56
CA ILE C 208 17.63 -17.02 21.50
C ILE C 208 16.18 -17.12 20.98
N VAL C 209 15.62 -16.07 20.38
CA VAL C 209 14.28 -16.14 19.75
C VAL C 209 14.43 -16.22 18.22
N GLY C 210 15.32 -15.45 17.63
CA GLY C 210 15.55 -15.54 16.18
C GLY C 210 16.49 -14.48 15.69
N TRP C 211 16.25 -14.02 14.47
CA TRP C 211 17.11 -13.09 13.72
C TRP C 211 16.42 -11.77 13.46
N ARG C 212 17.20 -10.74 13.16
CA ARG C 212 16.67 -9.47 12.68
C ARG C 212 17.59 -8.88 11.60
N THR C 213 16.98 -8.19 10.65
CA THR C 213 17.76 -7.48 9.63
C THR C 213 16.89 -6.38 9.05
N PRO C 214 17.46 -5.33 8.47
CA PRO C 214 16.63 -4.36 7.73
C PRO C 214 16.16 -4.88 6.37
N LEU C 215 15.08 -4.29 5.85
CA LEU C 215 14.52 -4.76 4.58
C LEU C 215 15.59 -4.77 3.49
N ALA C 216 16.44 -3.77 3.40
CA ALA C 216 17.49 -3.66 2.35
C ALA C 216 18.32 -4.97 2.29
N GLN C 217 18.62 -5.62 3.43
CA GLN C 217 19.39 -6.90 3.40
C GLN C 217 18.59 -8.04 2.79
N LEU C 218 17.28 -8.10 3.05
CA LEU C 218 16.40 -9.12 2.42
C LEU C 218 16.30 -8.86 0.92
N GLN C 219 16.09 -7.61 0.53
CA GLN C 219 15.99 -7.24 -0.88
C GLN C 219 17.26 -7.64 -1.65
N ALA C 220 18.42 -7.42 -1.04
CA ALA C 220 19.75 -7.71 -1.62
C ALA C 220 19.83 -9.21 -1.92
N GLY C 221 19.16 -10.07 -1.16
CA GLY C 221 19.26 -11.54 -1.31
C GLY C 221 18.35 -12.12 -2.36
N VAL C 222 17.29 -11.44 -2.79
CA VAL C 222 16.23 -12.04 -3.66
C VAL C 222 16.40 -11.55 -5.11
N HIS D 3 -9.05 -16.10 52.93
CA HIS D 3 -9.93 -14.91 52.67
C HIS D 3 -9.29 -14.07 51.55
N MET D 4 -10.05 -13.14 50.93
CA MET D 4 -9.60 -12.30 49.79
C MET D 4 -8.36 -11.50 50.19
N ILE D 5 -7.44 -11.24 49.26
CA ILE D 5 -6.19 -10.50 49.56
C ILE D 5 -6.07 -9.41 48.51
N ARG D 6 -5.82 -8.16 48.93
CA ARG D 6 -5.65 -7.05 47.99
C ARG D 6 -4.36 -6.33 48.33
N ILE D 7 -3.40 -6.31 47.41
CA ILE D 7 -2.05 -5.73 47.71
C ILE D 7 -1.70 -4.63 46.72
N ASP D 8 -0.82 -3.72 47.15
CA ASP D 8 -0.23 -2.68 46.29
C ASP D 8 0.49 -3.45 45.16
N ALA D 9 0.29 -2.96 43.96
CA ALA D 9 1.04 -3.42 42.76
C ALA D 9 1.11 -2.27 41.78
N THR D 10 2.01 -2.40 40.81
CA THR D 10 1.98 -1.63 39.56
C THR D 10 1.25 -2.47 38.52
N PRO D 11 0.33 -1.92 37.70
CA PRO D 11 -0.04 -0.48 37.71
C PRO D 11 -1.13 0.00 38.68
N TYR D 12 -1.82 -0.92 39.34
CA TYR D 12 -2.86 -0.65 40.36
C TYR D 12 -3.00 -1.91 41.20
N PRO D 13 -3.74 -1.88 42.32
CA PRO D 13 -3.74 -2.99 43.26
C PRO D 13 -4.21 -4.28 42.61
N TYR D 14 -3.69 -5.37 43.13
CA TYR D 14 -3.98 -6.74 42.65
C TYR D 14 -4.69 -7.50 43.75
N GLN D 15 -5.84 -8.03 43.41
CA GLN D 15 -6.75 -8.73 44.34
C GLN D 15 -6.85 -10.19 43.93
N PHE D 16 -6.69 -11.12 44.86
CA PHE D 16 -6.78 -12.55 44.56
C PHE D 16 -7.26 -13.30 45.78
N HIS D 17 -7.77 -14.49 45.53
CA HIS D 17 -8.17 -15.47 46.58
C HIS D 17 -7.30 -16.71 46.50
N PRO D 18 -6.69 -17.16 47.61
CA PRO D 18 -5.83 -18.33 47.59
C PRO D 18 -6.50 -19.58 46.95
N ARG D 19 -7.81 -19.75 47.11
CA ARG D 19 -8.51 -20.93 46.54
C ARG D 19 -8.42 -20.96 45.00
N SER D 20 -8.29 -19.81 44.36
CA SER D 20 -8.36 -19.69 42.88
C SER D 20 -7.06 -19.07 42.35
N THR D 21 -5.97 -19.16 43.13
CA THR D 21 -4.62 -18.62 42.76
C THR D 21 -3.57 -19.73 42.81
N ALA D 22 -2.66 -19.76 41.84
CA ALA D 22 -1.47 -20.64 41.86
C ALA D 22 -0.22 -19.78 41.85
N LEU D 23 0.82 -20.29 42.49
CA LEU D 23 2.20 -19.80 42.32
C LEU D 23 2.85 -20.62 41.22
N VAL D 24 3.47 -19.95 40.25
CA VAL D 24 4.21 -20.64 39.16
C VAL D 24 5.68 -20.21 39.26
N VAL D 25 6.55 -21.17 39.54
CA VAL D 25 8.00 -20.91 39.66
C VAL D 25 8.67 -21.44 38.39
N ILE D 26 9.24 -20.56 37.60
CA ILE D 26 9.70 -20.87 36.23
C ILE D 26 11.22 -21.13 36.20
N ASP D 27 11.57 -22.38 35.84
CA ASP D 27 12.90 -22.79 35.31
C ASP D 27 14.03 -22.47 36.29
N MET D 28 13.84 -22.74 37.57
CA MET D 28 14.89 -22.47 38.57
C MET D 28 15.82 -23.70 38.60
N GLN D 29 16.52 -23.90 37.50
CA GLN D 29 17.27 -25.15 37.21
C GLN D 29 18.76 -24.94 37.38
N ARG D 30 19.47 -26.00 37.78
CA ARG D 30 20.88 -25.92 38.22
C ARG D 30 21.78 -25.44 37.11
N ASP D 31 21.60 -25.89 35.88
CA ASP D 31 22.50 -25.50 34.78
C ASP D 31 22.34 -24.00 34.49
N PHE D 32 21.16 -23.39 34.75
CA PHE D 32 20.97 -21.94 34.47
C PHE D 32 21.58 -21.11 35.59
N ILE D 33 21.64 -21.64 36.81
CA ILE D 33 21.95 -20.83 38.03
C ILE D 33 23.31 -21.16 38.68
N GLU D 34 23.77 -22.41 38.68
CA GLU D 34 24.90 -22.80 39.60
C GLU D 34 26.22 -22.38 38.94
N GLU D 35 27.22 -22.01 39.76
CA GLU D 35 28.53 -21.52 39.28
C GLU D 35 29.20 -22.64 38.44
N GLY D 36 28.97 -23.92 38.77
CA GLY D 36 29.58 -25.05 38.04
C GLY D 36 28.75 -25.53 36.86
N GLY D 37 27.83 -24.70 36.38
CA GLY D 37 26.78 -25.18 35.46
C GLY D 37 27.03 -24.68 34.06
N PHE D 38 26.18 -25.14 33.15
CA PHE D 38 26.29 -24.87 31.72
C PHE D 38 26.18 -23.37 31.45
N GLY D 39 25.17 -22.70 32.03
CA GLY D 39 24.98 -21.23 31.88
C GLY D 39 26.26 -20.49 32.20
N SER D 40 26.92 -20.90 33.29
CA SER D 40 28.17 -20.27 33.78
C SER D 40 29.31 -20.55 32.78
N ALA D 41 29.43 -21.80 32.33
CA ALA D 41 30.50 -22.25 31.39
C ALA D 41 30.44 -21.42 30.11
N LEU D 42 29.24 -20.97 29.70
CA LEU D 42 29.01 -20.18 28.46
C LEU D 42 29.33 -18.69 28.68
N GLY D 43 29.64 -18.27 29.91
CA GLY D 43 30.08 -16.89 30.20
C GLY D 43 28.98 -16.01 30.74
N ASN D 44 27.77 -16.55 30.98
CA ASN D 44 26.65 -15.76 31.54
C ASN D 44 26.92 -15.52 33.03
N ASP D 45 26.62 -14.32 33.51
CA ASP D 45 26.83 -13.90 34.90
C ASP D 45 25.65 -14.45 35.72
N VAL D 46 25.91 -15.54 36.44
CA VAL D 46 24.89 -16.38 37.12
C VAL D 46 24.54 -15.74 38.49
N ARG D 47 25.32 -14.77 38.96
CA ARG D 47 25.22 -14.21 40.33
C ARG D 47 23.86 -13.55 40.53
N PRO D 48 23.31 -12.76 39.58
CA PRO D 48 22.00 -12.16 39.78
C PRO D 48 20.90 -13.22 39.97
N LEU D 49 21.06 -14.37 39.29
CA LEU D 49 20.06 -15.47 39.41
C LEU D 49 20.24 -16.11 40.78
N ALA D 50 21.49 -16.39 41.21
CA ALA D 50 21.74 -16.99 42.55
C ALA D 50 21.19 -16.04 43.62
N ALA D 51 21.32 -14.73 43.40
CA ALA D 51 20.93 -13.68 44.37
C ALA D 51 19.44 -13.77 44.75
N ILE D 52 18.52 -14.23 43.86
CA ILE D 52 17.05 -14.23 44.13
C ILE D 52 16.63 -15.50 44.87
N VAL D 53 17.50 -16.48 44.99
CA VAL D 53 17.10 -17.80 45.50
C VAL D 53 16.44 -17.69 46.87
N PRO D 54 16.97 -16.94 47.86
CA PRO D 54 16.27 -16.84 49.16
C PRO D 54 14.89 -16.14 49.08
N THR D 55 14.73 -15.22 48.15
CA THR D 55 13.43 -14.55 47.92
C THR D 55 12.46 -15.59 47.34
N VAL D 56 12.91 -16.32 46.32
CA VAL D 56 12.03 -17.34 45.69
C VAL D 56 11.68 -18.37 46.76
N ALA D 57 12.62 -18.76 47.61
CA ALA D 57 12.34 -19.71 48.71
C ALA D 57 11.25 -19.18 49.66
N ALA D 58 11.31 -17.88 50.00
CA ALA D 58 10.34 -17.21 50.87
C ALA D 58 8.98 -17.21 50.19
N LEU D 59 8.96 -16.97 48.87
CA LEU D 59 7.68 -16.98 48.13
C LEU D 59 7.06 -18.37 48.13
N LEU D 60 7.86 -19.43 47.96
CA LEU D 60 7.40 -20.84 48.00
C LEU D 60 6.79 -21.13 49.36
N GLN D 61 7.46 -20.69 50.43
CA GLN D 61 7.00 -20.90 51.82
C GLN D 61 5.64 -20.24 52.03
N LEU D 62 5.50 -18.98 51.61
CA LEU D 62 4.25 -18.20 51.65
C LEU D 62 3.13 -18.92 50.92
N ALA D 63 3.36 -19.40 49.70
CA ALA D 63 2.29 -20.11 48.98
C ALA D 63 1.92 -21.40 49.72
N ARG D 64 2.91 -22.13 50.21
CA ARG D 64 2.69 -23.42 50.91
C ARG D 64 1.89 -23.18 52.20
N GLU D 65 2.24 -22.16 52.96
CA GLU D 65 1.52 -21.79 54.20
C GLU D 65 0.08 -21.35 53.90
N ALA D 66 -0.20 -20.77 52.72
CA ALA D 66 -1.55 -20.31 52.31
C ALA D 66 -2.39 -21.44 51.73
N GLY D 67 -1.78 -22.60 51.46
CA GLY D 67 -2.47 -23.75 50.86
C GLY D 67 -2.75 -23.51 49.40
N MET D 68 -1.96 -22.66 48.72
CA MET D 68 -2.16 -22.40 47.27
C MET D 68 -1.53 -23.52 46.46
N LEU D 69 -2.12 -23.79 45.30
CA LEU D 69 -1.46 -24.63 44.29
C LEU D 69 -0.09 -24.05 43.91
N VAL D 70 0.93 -24.89 43.91
CA VAL D 70 2.30 -24.55 43.45
C VAL D 70 2.63 -25.35 42.20
N VAL D 71 3.11 -24.61 41.20
CA VAL D 71 3.49 -25.18 39.88
C VAL D 71 4.96 -24.84 39.70
N HIS D 72 5.79 -25.83 39.37
CA HIS D 72 7.19 -25.62 38.99
C HIS D 72 7.32 -25.96 37.51
N THR D 73 8.12 -25.21 36.78
CA THR D 73 8.41 -25.55 35.37
C THR D 73 9.89 -25.87 35.24
N ARG D 74 10.20 -26.78 34.31
CA ARG D 74 11.59 -27.10 33.92
C ARG D 74 11.65 -27.10 32.39
N GLU D 75 12.52 -26.32 31.79
CA GLU D 75 12.76 -26.43 30.34
C GLU D 75 13.56 -27.72 30.15
N SER D 76 13.04 -28.64 29.36
CA SER D 76 13.65 -29.98 29.26
C SER D 76 13.15 -30.68 28.00
N HIS D 77 13.94 -31.65 27.53
CA HIS D 77 13.57 -32.44 26.35
C HIS D 77 13.60 -33.94 26.68
N LEU D 78 12.78 -34.71 25.97
CA LEU D 78 12.83 -36.20 26.02
C LEU D 78 14.23 -36.63 25.66
N PRO D 79 14.76 -37.72 26.27
CA PRO D 79 16.11 -38.18 25.97
C PRO D 79 16.24 -38.55 24.48
N ASP D 80 15.15 -38.89 23.80
CA ASP D 80 15.21 -39.21 22.34
C ASP D 80 15.27 -37.90 21.53
N LEU D 81 15.08 -36.74 22.16
CA LEU D 81 15.07 -35.39 21.51
C LEU D 81 13.96 -35.26 20.47
N SER D 82 12.97 -36.12 20.53
CA SER D 82 11.83 -36.15 19.60
C SER D 82 11.01 -34.86 19.75
N ASP D 83 11.07 -34.18 20.91
CA ASP D 83 10.35 -32.90 21.15
C ASP D 83 11.31 -31.71 21.09
N CYS D 84 12.48 -31.86 20.50
CA CYS D 84 13.46 -30.76 20.33
C CYS D 84 13.59 -30.45 18.84
N PRO D 85 13.05 -29.30 18.38
CA PRO D 85 13.12 -28.98 16.96
C PRO D 85 14.56 -28.79 16.47
N ARG D 86 14.84 -29.09 15.19
CA ARG D 86 16.17 -28.89 14.62
C ARG D 86 16.58 -27.45 14.85
N SER D 87 15.65 -26.51 14.67
CA SER D 87 15.97 -25.06 14.82
C SER D 87 16.62 -24.78 16.16
N LYS D 88 16.04 -25.35 17.19
CA LYS D 88 16.51 -25.09 18.57
C LYS D 88 17.84 -25.81 18.76
N ARG D 89 17.98 -27.03 18.27
CA ARG D 89 19.28 -27.78 18.37
C ARG D 89 20.45 -27.02 17.71
N LEU D 90 20.23 -26.38 16.55
CA LEU D 90 21.33 -25.73 15.79
C LEU D 90 21.51 -24.24 16.11
N ARG D 91 20.60 -23.62 16.86
CA ARG D 91 20.62 -22.16 17.12
C ARG D 91 21.91 -21.75 17.82
N GLY D 92 22.62 -20.78 17.25
CA GLY D 92 23.87 -20.24 17.81
C GLY D 92 25.11 -21.09 17.44
N ASN D 93 24.93 -22.17 16.68
N ASN D 93 24.94 -22.15 16.64
CA ASN D 93 26.03 -23.08 16.23
CA ASN D 93 25.99 -23.14 16.24
C ASN D 93 26.97 -23.35 17.41
C ASN D 93 26.96 -23.33 17.42
N PRO D 94 26.47 -23.87 18.56
CA PRO D 94 27.31 -23.97 19.75
C PRO D 94 28.30 -25.14 19.67
N THR D 95 29.40 -25.10 20.46
CA THR D 95 30.42 -26.20 20.52
C THR D 95 29.74 -27.45 21.11
N LEU D 96 29.04 -27.25 22.23
CA LEU D 96 28.17 -28.22 22.92
C LEU D 96 26.75 -27.66 22.91
N GLY D 97 25.82 -28.44 22.40
CA GLY D 97 24.42 -28.06 22.29
C GLY D 97 23.54 -29.01 23.05
N ILE D 98 22.25 -28.83 22.89
CA ILE D 98 21.21 -29.67 23.53
C ILE D 98 21.53 -31.15 23.27
N GLY D 99 21.53 -31.96 24.33
CA GLY D 99 21.73 -33.41 24.21
C GLY D 99 23.18 -33.80 24.30
N ASP D 100 24.12 -32.85 24.21
CA ASP D 100 25.58 -33.11 24.36
C ASP D 100 25.91 -33.11 25.85
N VAL D 101 27.05 -33.68 26.21
CA VAL D 101 27.45 -33.81 27.63
C VAL D 101 28.12 -32.53 28.08
N GLY D 102 27.45 -31.82 28.98
CA GLY D 102 27.93 -30.59 29.61
C GLY D 102 28.51 -30.92 30.97
N PRO D 103 28.94 -29.91 31.75
CA PRO D 103 29.49 -30.10 33.09
C PRO D 103 28.51 -30.78 34.07
N MET D 104 27.20 -30.77 33.81
CA MET D 104 26.20 -31.43 34.69
C MET D 104 25.33 -32.39 33.90
N GLY D 105 25.93 -33.05 32.90
CA GLY D 105 25.22 -34.06 32.10
C GLY D 105 24.70 -33.49 30.79
N ARG D 106 23.80 -34.21 30.15
CA ARG D 106 23.32 -33.90 28.77
C ARG D 106 22.51 -32.60 28.87
N ILE D 107 22.88 -31.62 28.05
CA ILE D 107 22.34 -30.23 28.10
C ILE D 107 20.85 -30.25 27.76
N LEU D 108 20.01 -29.79 28.69
CA LEU D 108 18.56 -29.54 28.54
C LEU D 108 17.79 -30.84 28.34
N VAL D 109 18.32 -31.97 28.84
CA VAL D 109 17.62 -33.28 28.78
C VAL D 109 17.02 -33.68 30.14
N GLN D 110 15.81 -34.20 30.10
CA GLN D 110 15.02 -34.75 31.23
C GLN D 110 15.85 -35.80 31.97
N GLY D 111 15.90 -35.71 33.30
CA GLY D 111 16.60 -36.72 34.11
C GLY D 111 18.06 -36.44 34.36
N GLU D 112 18.67 -35.40 33.77
CA GLU D 112 20.11 -35.10 33.93
C GLU D 112 20.31 -34.18 35.12
N PRO D 113 21.49 -34.22 35.82
CA PRO D 113 21.71 -33.37 36.99
C PRO D 113 21.47 -31.85 36.78
N GLY D 114 22.00 -31.29 35.69
CA GLY D 114 21.85 -29.86 35.38
C GLY D 114 20.41 -29.47 35.07
N ASN D 115 19.55 -30.41 34.73
CA ASN D 115 18.15 -30.11 34.38
C ASN D 115 17.31 -29.92 35.66
N GLN D 116 17.82 -30.32 36.83
CA GLN D 116 16.97 -30.40 38.03
C GLN D 116 16.75 -29.00 38.63
N ILE D 117 15.64 -28.87 39.31
CA ILE D 117 15.30 -27.65 40.10
C ILE D 117 16.31 -27.57 41.25
N LEU D 118 16.72 -26.36 41.62
CA LEU D 118 17.65 -26.19 42.77
C LEU D 118 17.08 -26.90 44.00
N PRO D 119 17.96 -27.50 44.83
CA PRO D 119 17.50 -28.11 46.08
C PRO D 119 16.74 -27.16 47.00
N GLN D 120 17.20 -25.90 47.07
CA GLN D 120 16.59 -24.87 47.92
C GLN D 120 15.13 -24.64 47.55
N LEU D 121 14.72 -24.98 46.31
CA LEU D 121 13.39 -24.64 45.75
C LEU D 121 12.68 -25.91 45.29
N ALA D 122 13.09 -27.07 45.80
CA ALA D 122 12.64 -28.38 45.30
C ALA D 122 11.14 -28.52 45.52
N PRO D 123 10.46 -29.11 44.54
CA PRO D 123 9.05 -29.45 44.68
C PRO D 123 8.83 -30.48 45.79
N VAL D 124 7.62 -30.47 46.33
CA VAL D 124 7.14 -31.51 47.28
C VAL D 124 5.88 -32.15 46.75
N GLU D 125 5.53 -33.30 47.33
CA GLU D 125 4.31 -34.03 46.93
C GLU D 125 3.12 -33.07 46.97
N GLY D 126 2.25 -33.14 45.97
CA GLY D 126 1.05 -32.30 45.87
C GLY D 126 1.28 -31.09 44.98
N GLU D 127 2.52 -30.81 44.58
CA GLU D 127 2.87 -29.68 43.67
C GLU D 127 2.93 -30.19 42.24
N LEU D 128 2.60 -29.34 41.28
CA LEU D 128 2.67 -29.72 39.85
C LEU D 128 4.07 -29.40 39.35
N VAL D 129 4.64 -30.32 38.60
CA VAL D 129 5.94 -30.12 37.94
C VAL D 129 5.72 -30.30 36.44
N ILE D 130 5.97 -29.26 35.66
CA ILE D 130 5.69 -29.16 34.20
C ILE D 130 7.04 -29.22 33.48
N ASP D 131 7.24 -30.21 32.62
CA ASP D 131 8.43 -30.26 31.74
C ASP D 131 7.97 -29.61 30.45
N LYS D 132 8.67 -28.58 30.04
CA LYS D 132 8.24 -27.86 28.81
C LYS D 132 9.37 -27.84 27.80
N PRO D 133 9.05 -28.08 26.51
CA PRO D 133 10.05 -28.07 25.46
C PRO D 133 10.39 -26.70 24.85
N GLY D 134 9.69 -25.65 25.30
CA GLY D 134 9.97 -24.27 24.89
C GLY D 134 10.12 -23.33 26.08
N LYS D 135 10.12 -22.04 25.77
CA LYS D 135 10.23 -21.00 26.83
C LYS D 135 8.88 -20.81 27.51
N GLY D 136 7.78 -20.88 26.76
CA GLY D 136 6.43 -20.67 27.30
C GLY D 136 5.96 -21.90 28.04
N ALA D 137 5.47 -21.73 29.27
CA ALA D 137 4.95 -22.82 30.12
C ALA D 137 3.68 -23.44 29.52
N PHE D 138 2.98 -22.77 28.61
CA PHE D 138 1.68 -23.31 28.12
C PHE D 138 1.87 -24.12 26.84
N TYR D 139 2.94 -23.90 26.10
CA TYR D 139 3.13 -24.59 24.79
C TYR D 139 3.50 -26.06 25.02
N ALA D 140 2.68 -26.97 24.48
CA ALA D 140 2.96 -28.43 24.44
C ALA D 140 3.04 -28.96 25.88
N THR D 141 2.30 -28.35 26.78
CA THR D 141 2.11 -28.86 28.16
C THR D 141 0.61 -28.97 28.45
N ASP D 142 0.28 -29.60 29.55
CA ASP D 142 -1.13 -29.63 29.95
C ASP D 142 -1.33 -28.59 31.04
N LEU D 143 -0.50 -27.53 31.06
CA LEU D 143 -0.63 -26.56 32.16
C LEU D 143 -2.06 -25.98 32.19
N HIS D 144 -2.57 -25.44 31.08
CA HIS D 144 -3.87 -24.74 31.04
C HIS D 144 -4.96 -25.71 31.54
N ALA D 145 -4.97 -26.93 31.04
CA ALA D 145 -5.96 -27.97 31.47
C ALA D 145 -5.89 -28.18 32.99
N GLN D 146 -4.67 -28.37 33.52
CA GLN D 146 -4.43 -28.61 34.97
C GLN D 146 -4.92 -27.40 35.77
N LEU D 147 -4.66 -26.17 35.33
CA LEU D 147 -5.15 -24.98 36.07
C LEU D 147 -6.69 -24.91 35.98
N GLN D 148 -7.27 -25.21 34.81
CA GLN D 148 -8.74 -25.07 34.60
C GLN D 148 -9.50 -26.10 35.47
N GLU D 149 -8.94 -27.27 35.68
CA GLU D 149 -9.56 -28.37 36.48
C GLU D 149 -9.60 -27.92 37.95
N ARG D 150 -8.64 -27.09 38.37
CA ARG D 150 -8.61 -26.52 39.75
C ARG D 150 -9.26 -25.13 39.82
N ARG D 151 -9.89 -24.66 38.75
CA ARG D 151 -10.63 -23.38 38.68
C ARG D 151 -9.70 -22.22 39.07
N ILE D 152 -8.45 -22.28 38.63
CA ILE D 152 -7.44 -21.20 38.88
C ILE D 152 -7.71 -20.04 37.92
N THR D 153 -7.81 -18.81 38.45
CA THR D 153 -7.99 -17.58 37.64
C THR D 153 -6.83 -16.59 37.78
N HIS D 154 -6.01 -16.76 38.82
CA HIS D 154 -4.95 -15.81 39.20
C HIS D 154 -3.61 -16.55 39.31
N LEU D 155 -2.53 -15.95 38.77
CA LEU D 155 -1.19 -16.58 38.85
C LEU D 155 -0.19 -15.63 39.50
N LEU D 156 0.51 -16.11 40.49
CA LEU D 156 1.69 -15.40 40.99
C LEU D 156 2.90 -15.99 40.29
N VAL D 157 3.74 -15.14 39.73
CA VAL D 157 4.81 -15.63 38.82
C VAL D 157 6.18 -15.27 39.39
N ALA D 158 7.10 -16.24 39.33
CA ALA D 158 8.51 -16.00 39.68
C ALA D 158 9.43 -16.87 38.80
N GLY D 159 10.71 -16.54 38.74
CA GLY D 159 11.71 -17.45 38.15
C GLY D 159 12.67 -16.76 37.23
N VAL D 160 13.26 -17.53 36.33
CA VAL D 160 14.33 -17.03 35.43
C VAL D 160 14.09 -17.54 34.03
N THR D 161 14.62 -16.84 33.03
CA THR D 161 15.09 -15.48 33.13
C THR D 161 13.92 -14.54 32.82
N THR D 162 13.93 -13.35 33.38
CA THR D 162 12.80 -12.40 33.28
C THR D 162 12.34 -12.24 31.83
N GLU D 163 13.30 -11.98 30.93
CA GLU D 163 12.98 -11.60 29.53
C GLU D 163 12.76 -12.83 28.65
N VAL D 164 13.00 -14.02 29.13
CA VAL D 164 12.83 -15.24 28.29
C VAL D 164 11.65 -16.02 28.84
N SER D 165 11.82 -17.06 29.66
CA SER D 165 10.68 -17.92 30.05
C SER D 165 9.65 -17.19 30.92
N VAL D 166 10.08 -16.28 31.79
CA VAL D 166 9.08 -15.57 32.64
C VAL D 166 8.18 -14.73 31.73
N GLN D 167 8.74 -13.85 30.92
CA GLN D 167 7.86 -12.95 30.12
C GLN D 167 7.06 -13.77 29.09
N THR D 168 7.64 -14.84 28.50
CA THR D 168 6.90 -15.66 27.52
C THR D 168 5.70 -16.34 28.19
N SER D 169 5.90 -16.89 29.38
CA SER D 169 4.85 -17.61 30.13
C SER D 169 3.76 -16.59 30.55
N MET D 170 4.17 -15.41 30.98
CA MET D 170 3.16 -14.42 31.44
C MET D 170 2.34 -13.92 30.24
N ARG D 171 2.95 -13.74 29.09
CA ARG D 171 2.23 -13.27 27.90
C ARG D 171 1.23 -14.35 27.47
N GLU D 172 1.63 -15.61 27.50
CA GLU D 172 0.72 -16.74 27.18
C GLU D 172 -0.44 -16.73 28.16
N ALA D 173 -0.17 -16.64 29.48
CA ALA D 173 -1.22 -16.69 30.51
C ALA D 173 -2.18 -15.54 30.32
N ASN D 174 -1.66 -14.33 30.05
CA ASN D 174 -2.51 -13.14 29.83
C ASN D 174 -3.47 -13.40 28.65
N ASP D 175 -2.97 -13.99 27.56
CA ASP D 175 -3.82 -14.27 26.37
C ASP D 175 -4.94 -15.22 26.78
N ARG D 176 -4.63 -16.16 27.67
CA ARG D 176 -5.59 -17.22 28.11
C ARG D 176 -6.59 -16.71 29.17
N GLY D 177 -6.48 -15.46 29.64
CA GLY D 177 -7.46 -14.88 30.56
C GLY D 177 -7.05 -14.91 32.02
N TYR D 178 -5.83 -15.31 32.33
CA TYR D 178 -5.32 -15.29 33.75
C TYR D 178 -4.95 -13.88 34.14
N GLU D 179 -5.13 -13.55 35.41
CA GLU D 179 -4.64 -12.31 36.02
C GLU D 179 -3.32 -12.61 36.71
N CYS D 180 -2.23 -12.11 36.15
CA CYS D 180 -0.85 -12.47 36.53
C CYS D 180 -0.16 -11.32 37.28
N LEU D 181 0.46 -11.68 38.42
CA LEU D 181 1.29 -10.79 39.23
C LEU D 181 2.70 -11.37 39.20
N VAL D 182 3.65 -10.66 38.62
CA VAL D 182 5.08 -11.05 38.68
C VAL D 182 5.67 -10.48 39.96
N ILE D 183 6.30 -11.33 40.73
CA ILE D 183 7.03 -10.90 41.97
C ILE D 183 8.43 -10.43 41.55
N GLU D 184 8.62 -9.13 41.50
CA GLU D 184 9.73 -8.47 40.76
C GLU D 184 11.11 -8.90 41.28
N ASP D 185 11.24 -9.06 42.59
CA ASP D 185 12.54 -9.43 43.21
C ASP D 185 12.61 -10.95 43.36
N ALA D 186 11.67 -11.69 42.76
CA ALA D 186 11.76 -13.16 42.69
C ALA D 186 11.94 -13.59 41.22
N CYS D 187 12.43 -12.67 40.38
N CYS D 187 12.45 -12.71 40.37
CA CYS D 187 12.86 -12.92 38.98
CA CYS D 187 12.87 -13.05 38.99
C CYS D 187 14.23 -12.31 38.78
C CYS D 187 14.12 -12.25 38.66
N ALA D 188 14.96 -12.80 37.79
CA ALA D 188 16.28 -12.24 37.44
C ALA D 188 16.60 -12.60 36.00
N SER D 189 17.56 -11.86 35.48
CA SER D 189 18.13 -12.03 34.12
C SER D 189 19.67 -12.04 34.20
N TYR D 190 20.29 -12.61 33.17
CA TYR D 190 21.74 -12.43 32.92
C TYR D 190 22.02 -10.97 32.55
N PHE D 191 21.01 -10.23 32.10
CA PHE D 191 21.19 -8.84 31.56
C PHE D 191 20.33 -7.87 32.37
N PRO D 192 20.92 -7.02 33.23
CA PRO D 192 20.11 -6.13 34.07
C PRO D 192 19.12 -5.27 33.30
N ASP D 193 19.53 -4.71 32.16
CA ASP D 193 18.60 -3.85 31.38
C ASP D 193 17.40 -4.67 30.91
N PHE D 194 17.64 -5.92 30.53
CA PHE D 194 16.54 -6.78 30.03
C PHE D 194 15.55 -7.04 31.15
N HIS D 195 16.03 -7.28 32.37
CA HIS D 195 15.16 -7.49 33.56
C HIS D 195 14.32 -6.21 33.78
N ARG D 196 14.96 -5.07 33.93
CA ARG D 196 14.22 -3.81 34.26
C ARG D 196 13.18 -3.50 33.18
N ILE D 197 13.57 -3.49 31.91
CA ILE D 197 12.69 -3.02 30.82
C ILE D 197 11.61 -4.05 30.57
N THR D 198 11.88 -5.35 30.74
CA THR D 198 10.78 -6.34 30.66
C THR D 198 9.68 -6.01 31.68
N LEU D 199 10.04 -5.73 32.93
CA LEU D 199 9.05 -5.49 34.00
C LEU D 199 8.22 -4.24 33.63
N GLU D 200 8.85 -3.21 33.05
CA GLU D 200 8.12 -1.99 32.58
C GLU D 200 7.19 -2.34 31.42
N MET D 201 7.62 -3.20 30.49
CA MET D 201 6.80 -3.57 29.33
C MET D 201 5.58 -4.36 29.81
N LEU D 202 5.72 -5.25 30.77
CA LEU D 202 4.62 -6.15 31.17
C LEU D 202 3.47 -5.32 31.78
N THR D 203 3.80 -4.20 32.44
CA THR D 203 2.79 -3.42 33.18
C THR D 203 2.46 -2.12 32.44
N ALA D 204 3.03 -1.89 31.26
CA ALA D 204 2.79 -0.66 30.46
C ALA D 204 1.33 -0.52 30.03
N GLN D 205 0.91 0.70 29.69
CA GLN D 205 -0.40 0.97 29.04
C GLN D 205 -1.53 0.50 29.98
N GLY D 206 -1.35 0.64 31.28
CA GLY D 206 -2.40 0.28 32.25
C GLY D 206 -2.47 -1.23 32.50
N GLY D 207 -1.35 -1.94 32.32
CA GLY D 207 -1.23 -3.38 32.65
C GLY D 207 -1.46 -4.31 31.48
N ILE D 208 -0.85 -4.01 30.36
CA ILE D 208 -1.15 -4.72 29.07
C ILE D 208 -0.96 -6.23 29.28
N VAL D 209 0.06 -6.67 30.01
CA VAL D 209 0.26 -8.12 30.26
C VAL D 209 -0.17 -8.46 31.69
N GLY D 210 0.06 -7.60 32.68
CA GLY D 210 -0.33 -7.89 34.07
C GLY D 210 0.25 -6.90 35.03
N TRP D 211 0.57 -7.40 36.22
CA TRP D 211 0.93 -6.61 37.41
C TRP D 211 2.29 -7.02 37.86
N ARG D 212 2.93 -6.15 38.63
CA ARG D 212 4.20 -6.48 39.29
C ARG D 212 4.21 -5.90 40.70
N THR D 213 4.87 -6.59 41.59
CA THR D 213 5.11 -6.04 42.97
C THR D 213 6.26 -6.77 43.62
N PRO D 214 6.96 -6.14 44.59
CA PRO D 214 7.96 -6.86 45.38
C PRO D 214 7.34 -7.86 46.35
N LEU D 215 8.14 -8.87 46.78
CA LEU D 215 7.66 -9.90 47.68
C LEU D 215 7.07 -9.26 48.95
N ALA D 216 7.68 -8.19 49.48
CA ALA D 216 7.25 -7.60 50.77
C ALA D 216 5.77 -7.20 50.72
N GLN D 217 5.27 -6.73 49.57
N GLN D 217 5.27 -6.72 49.58
CA GLN D 217 3.87 -6.27 49.42
CA GLN D 217 3.86 -6.29 49.42
C GLN D 217 2.92 -7.46 49.41
C GLN D 217 2.95 -7.52 49.52
N LEU D 218 3.33 -8.63 48.89
CA LEU D 218 2.56 -9.87 48.99
C LEU D 218 2.56 -10.41 50.43
N GLN D 219 3.70 -10.37 51.10
CA GLN D 219 3.85 -10.82 52.51
C GLN D 219 2.88 -10.03 53.42
N ALA D 220 2.75 -8.72 53.19
CA ALA D 220 1.84 -7.81 53.94
C ALA D 220 0.39 -8.26 53.76
N GLY D 221 0.01 -8.72 52.56
CA GLY D 221 -1.35 -9.17 52.25
C GLY D 221 -1.78 -10.38 53.05
N VAL D 222 -0.84 -11.28 53.35
CA VAL D 222 -1.03 -12.41 54.29
C VAL D 222 -0.48 -11.95 55.65
C1 EDO E . 10.88 7.61 -15.12
O1 EDO E . 12.28 7.53 -14.81
C2 EDO E . 10.18 6.38 -14.68
O2 EDO E . 10.76 5.23 -15.20
C1 EDO F . -23.20 6.41 -16.39
O1 EDO F . -24.46 6.56 -15.76
C2 EDO F . -23.19 5.51 -17.55
O2 EDO F . -23.77 4.27 -17.29
C2 C5J G . -16.33 19.17 -29.37
C5 C5J G . -16.65 21.03 -27.79
N1 C5J G . -15.46 18.63 -30.29
N6 C5J G . -17.86 20.60 -27.42
N4 C5J G . -15.96 20.33 -28.75
O3 C5J G . -17.33 18.52 -29.00
O7 C5J G . -16.11 21.97 -27.15
C1 EDO H . 11.74 21.91 -32.57
O1 EDO H . 12.61 22.82 -33.25
C2 EDO H . 11.03 21.03 -33.51
O2 EDO H . 11.87 20.33 -34.42
C1 EDO I . -9.05 -1.34 17.93
O1 EDO I . -10.18 -0.47 18.11
C2 EDO I . -9.06 -1.93 16.58
O2 EDO I . -10.20 -2.69 16.35
C1 EDO J . 17.55 -20.18 9.38
O1 EDO J . 17.64 -21.58 9.43
C2 EDO J . 18.80 -19.45 9.59
O2 EDO J . 19.93 -19.73 8.81
#